data_1H4S
#
_entry.id   1H4S
#
_cell.length_a   140.780
_cell.length_b   140.780
_cell.length_c   236.970
_cell.angle_alpha   90.00
_cell.angle_beta   90.00
_cell.angle_gamma   90.00
#
_symmetry.space_group_name_H-M   'P 43 21 2'
#
loop_
_entity.id
_entity.type
_entity.pdbx_description
1 polymer 'PROLYL-TRNA SYNTHETASE'
2 polymer TRNAPRO(CGG)
3 non-polymer 'ZINC ION'
4 non-polymer "'5'-O-(N-(L-PROLYL)-SULFAMOYL)ADENOSINE"
5 non-polymer 'SULFATE ION'
6 water water
#
loop_
_entity_poly.entity_id
_entity_poly.type
_entity_poly.pdbx_seq_one_letter_code
_entity_poly.pdbx_strand_id
1 'polypeptide(L)'
;MAKEKGLTPQSQDFSEWYLEVIQKAELADYGPVRGTIVVRPYGYAIWENIQQVLDRMFKETGHQNAYFPLFIPMSFLRKE
AEHVEGFSPELAVVTHAGGEELEEPLAVRPTSETVIGYMWSKWIRSWRDLPQLLNQWGNVVRWEMRTRPFLRTSEFLWQE
GHTAHATREEAEEEVRRMLSIYARLAREYAAIPVIEGLKTEKEKFAGAVYTTTIEALMKDGKALQAGTSHYLGENFARAF
DIKFQDRDLQVKYVHTTSWGLSWRFIGAIIMTHGDDRGLVLPPRLAPIQVVIVPIYKDESRERVLEAAQGLRQALLAQGL
RVHLDDRDQHTPGYKFHEWELKGVPFRVELGPKDLEGGQAVLASRLGGKETLPLAALPEALPGKLDAFHEELYRRALAFR
EDHTRKVDTYEAFKEAVQEGFALAFHCGDKACERLIQEETTATTRCVPFEAEPEEGFCVRCGRPSAYGKRVVFAKAY
;
A,B
2 'polyribonucleotide'
;CGGGGAGUAGCGCAGCCCGGUAGCGCACCUCGUUCGGGACGAGGGGGGCGCUGG(5MU)(PSU)CAGAUCCAGUCUCCCC
GACCA
;
T
#
loop_
_chem_comp.id
_chem_comp.type
_chem_comp.name
_chem_comp.formula
5MU RNA linking '5-METHYLURIDINE 5'-MONOPHOSPHATE' 'C10 H15 N2 O9 P'
A RNA linking ADENOSINE-5'-MONOPHOSPHATE 'C10 H14 N5 O7 P'
C RNA linking CYTIDINE-5'-MONOPHOSPHATE 'C9 H14 N3 O8 P'
G RNA linking GUANOSINE-5'-MONOPHOSPHATE 'C10 H14 N5 O8 P'
P5A non-polymer '5'-O-(N-(L-PROLYL)-SULFAMOYL)ADENOSINE 'C15 H21 N7 O7 S'
PSU RNA linking PSEUDOURIDINE-5'-MONOPHOSPHATE 'C9 H13 N2 O9 P'
SO4 non-polymer 'SULFATE ION' 'O4 S -2'
U RNA linking URIDINE-5'-MONOPHOSPHATE 'C9 H13 N2 O9 P'
ZN non-polymer 'ZINC ION' 'Zn 2'
#
# COMPACT_ATOMS: atom_id res chain seq x y z
N LYS A 5 10.23 22.46 27.83
CA LYS A 5 9.78 22.05 26.44
C LYS A 5 9.48 23.31 25.61
N GLY A 6 9.80 23.27 24.32
CA GLY A 6 9.53 24.42 23.47
C GLY A 6 8.45 24.21 22.43
N LEU A 7 7.20 24.02 22.86
CA LEU A 7 6.12 23.83 21.88
C LEU A 7 5.34 25.12 21.64
N THR A 8 5.72 25.83 20.59
CA THR A 8 5.08 27.10 20.27
C THR A 8 3.58 27.04 20.36
N PRO A 9 2.98 27.85 21.24
CA PRO A 9 1.53 27.84 21.35
C PRO A 9 0.82 28.24 20.05
N GLN A 10 -0.30 27.60 19.78
CA GLN A 10 -1.09 27.84 18.57
C GLN A 10 -1.50 29.29 18.41
N SER A 11 -1.76 29.96 19.52
CA SER A 11 -2.19 31.36 19.49
C SER A 11 -1.04 32.27 19.07
N GLN A 12 0.18 31.84 19.31
CA GLN A 12 1.34 32.65 18.95
C GLN A 12 1.67 32.53 17.47
N ASP A 13 1.76 31.29 17.00
CA ASP A 13 2.07 31.03 15.59
C ASP A 13 1.66 29.61 15.18
N PHE A 14 0.42 29.48 14.72
CA PHE A 14 -0.13 28.20 14.33
C PHE A 14 0.79 27.39 13.42
N SER A 15 1.26 28.01 12.34
CA SER A 15 2.13 27.33 11.40
C SER A 15 3.33 26.69 12.09
N GLU A 16 3.93 27.41 13.03
CA GLU A 16 5.07 26.87 13.75
C GLU A 16 4.62 25.75 14.66
N TRP A 17 3.50 25.96 15.35
CA TRP A 17 2.98 24.93 16.21
C TRP A 17 2.87 23.63 15.38
N TYR A 18 2.23 23.76 14.22
CA TYR A 18 2.05 22.64 13.30
C TYR A 18 3.36 21.94 12.95
N LEU A 19 4.28 22.67 12.31
CA LEU A 19 5.57 22.09 11.95
C LEU A 19 6.28 21.42 13.13
N GLU A 20 6.27 22.08 14.29
CA GLU A 20 6.93 21.54 15.46
C GLU A 20 6.31 20.28 15.99
N VAL A 21 4.99 20.28 16.17
CA VAL A 21 4.34 19.10 16.70
C VAL A 21 4.57 17.91 15.78
N ILE A 22 4.53 18.13 14.47
CA ILE A 22 4.76 17.06 13.51
C ILE A 22 6.14 16.47 13.76
N GLN A 23 7.11 17.36 13.98
CA GLN A 23 8.50 16.97 14.22
C GLN A 23 8.70 16.30 15.57
N LYS A 24 8.23 16.93 16.64
CA LYS A 24 8.41 16.41 17.97
C LYS A 24 7.66 15.11 18.25
N ALA A 25 6.49 14.96 17.66
CA ALA A 25 5.71 13.75 17.86
C ALA A 25 6.24 12.63 16.96
N GLU A 26 7.21 12.99 16.12
CA GLU A 26 7.83 12.04 15.19
C GLU A 26 6.85 11.46 14.17
N LEU A 27 5.97 12.31 13.67
CA LEU A 27 5.00 11.92 12.67
C LEU A 27 5.74 11.88 11.33
N ALA A 28 6.57 12.87 11.12
CA ALA A 28 7.34 12.95 9.88
C ALA A 28 8.54 13.82 10.08
N ASP A 29 9.37 13.89 9.03
CA ASP A 29 10.57 14.69 9.02
C ASP A 29 10.72 15.15 7.59
N TYR A 30 11.47 16.23 7.34
CA TYR A 30 11.64 16.71 5.98
C TYR A 30 12.57 15.81 5.19
N GLY A 31 12.22 15.59 3.93
CA GLY A 31 13.06 14.74 3.11
C GLY A 31 14.08 15.60 2.39
N PRO A 32 15.15 15.00 1.84
CA PRO A 32 16.17 15.76 1.14
C PRO A 32 15.64 16.58 -0.04
N VAL A 33 14.77 16.01 -0.85
CA VAL A 33 14.25 16.74 -2.00
C VAL A 33 13.16 17.76 -1.61
N ARG A 34 13.16 18.87 -2.34
CA ARG A 34 12.22 19.97 -2.13
C ARG A 34 10.75 19.58 -2.03
N GLY A 35 10.09 20.07 -0.98
CA GLY A 35 8.67 19.82 -0.78
C GLY A 35 8.24 18.42 -0.39
N THR A 36 9.18 17.56 -0.03
CA THR A 36 8.84 16.19 0.35
C THR A 36 9.00 15.95 1.85
N ILE A 37 8.41 14.87 2.34
CA ILE A 37 8.53 14.54 3.74
C ILE A 37 8.81 13.06 3.88
N VAL A 38 9.24 12.66 5.05
CA VAL A 38 9.52 11.26 5.31
C VAL A 38 8.57 10.87 6.41
N VAL A 39 7.67 9.95 6.12
CA VAL A 39 6.72 9.56 7.14
C VAL A 39 7.31 8.48 8.02
N ARG A 40 7.57 8.87 9.27
CA ARG A 40 8.14 7.98 10.27
C ARG A 40 7.02 7.07 10.76
N PRO A 41 7.38 5.92 11.37
CA PRO A 41 6.44 4.93 11.89
C PRO A 41 5.14 5.41 12.52
N TYR A 42 5.23 6.27 13.52
CA TYR A 42 4.02 6.75 14.20
C TYR A 42 3.05 7.45 13.25
N GLY A 43 3.59 8.28 12.36
CA GLY A 43 2.73 8.98 11.42
C GLY A 43 2.12 8.01 10.41
N TYR A 44 2.95 7.11 9.91
CA TYR A 44 2.50 6.13 8.93
C TYR A 44 1.49 5.17 9.55
N ALA A 45 1.58 4.96 10.86
CA ALA A 45 0.64 4.06 11.52
C ALA A 45 -0.73 4.67 11.37
N ILE A 46 -0.81 6.00 11.48
CA ILE A 46 -2.08 6.68 11.32
C ILE A 46 -2.58 6.43 9.90
N TRP A 47 -1.70 6.60 8.91
CA TRP A 47 -2.10 6.41 7.53
C TRP A 47 -2.66 5.01 7.29
N GLU A 48 -2.03 4.00 7.89
CA GLU A 48 -2.50 2.64 7.72
C GLU A 48 -3.91 2.48 8.27
N ASN A 49 -4.20 3.12 9.40
CA ASN A 49 -5.53 2.97 9.94
C ASN A 49 -6.56 3.61 9.02
N ILE A 50 -6.19 4.72 8.40
CA ILE A 50 -7.09 5.37 7.48
C ILE A 50 -7.29 4.44 6.28
N GLN A 51 -6.22 3.77 5.84
CA GLN A 51 -6.34 2.86 4.71
C GLN A 51 -7.32 1.75 5.05
N GLN A 52 -7.13 1.14 6.21
CA GLN A 52 -8.00 0.04 6.62
C GLN A 52 -9.47 0.39 6.65
N VAL A 53 -9.79 1.54 7.23
CA VAL A 53 -11.17 1.96 7.30
C VAL A 53 -11.74 2.20 5.91
N LEU A 54 -11.10 3.07 5.14
CA LEU A 54 -11.57 3.38 3.80
C LEU A 54 -11.63 2.14 2.95
N ASP A 55 -10.60 1.32 3.00
CA ASP A 55 -10.58 0.12 2.18
C ASP A 55 -11.77 -0.80 2.49
N ARG A 56 -12.09 -0.95 3.77
CA ARG A 56 -13.21 -1.80 4.16
C ARG A 56 -14.47 -1.17 3.56
N MET A 57 -14.59 0.14 3.67
CA MET A 57 -15.75 0.83 3.14
C MET A 57 -15.85 0.74 1.62
N PHE A 58 -14.71 0.81 0.94
CA PHE A 58 -14.70 0.73 -0.51
C PHE A 58 -15.13 -0.65 -0.94
N LYS A 59 -14.62 -1.65 -0.22
CA LYS A 59 -14.91 -3.02 -0.53
C LYS A 59 -16.38 -3.37 -0.32
N GLU A 60 -17.00 -2.82 0.74
CA GLU A 60 -18.40 -3.09 1.01
C GLU A 60 -19.29 -2.46 -0.04
N THR A 61 -18.76 -1.49 -0.79
CA THR A 61 -19.53 -0.86 -1.86
C THR A 61 -19.07 -1.38 -3.23
N GLY A 62 -18.54 -2.60 -3.24
CA GLY A 62 -18.13 -3.23 -4.47
C GLY A 62 -16.95 -2.77 -5.26
N HIS A 63 -16.05 -1.98 -4.66
CA HIS A 63 -14.89 -1.55 -5.45
C HIS A 63 -13.80 -2.56 -5.31
N GLN A 64 -12.87 -2.57 -6.25
CA GLN A 64 -11.76 -3.50 -6.21
C GLN A 64 -10.48 -2.73 -6.44
N ASN A 65 -9.42 -3.11 -5.74
CA ASN A 65 -8.16 -2.43 -5.93
C ASN A 65 -7.45 -2.96 -7.16
N ALA A 66 -6.59 -2.14 -7.72
CA ALA A 66 -5.81 -2.51 -8.87
C ALA A 66 -4.62 -1.58 -8.82
N TYR A 67 -3.70 -1.72 -9.78
CA TYR A 67 -2.56 -0.83 -9.78
C TYR A 67 -2.14 -0.47 -11.19
N PHE A 68 -2.25 0.82 -11.49
CA PHE A 68 -1.87 1.34 -12.80
C PHE A 68 -0.50 1.97 -12.70
N PRO A 69 0.18 2.15 -13.84
CA PRO A 69 1.52 2.73 -13.98
C PRO A 69 1.79 4.09 -13.35
N LEU A 70 3.04 4.27 -12.94
CA LEU A 70 3.50 5.50 -12.33
C LEU A 70 3.76 6.53 -13.42
N PHE A 71 4.37 6.07 -14.52
CA PHE A 71 4.69 6.93 -15.65
C PHE A 71 3.55 7.01 -16.66
N ILE A 72 3.25 8.23 -17.07
CA ILE A 72 2.18 8.48 -18.03
C ILE A 72 2.73 9.20 -19.25
N PRO A 73 2.49 8.68 -20.45
CA PRO A 73 2.98 9.31 -21.67
C PRO A 73 2.46 10.74 -21.77
N MET A 74 3.37 11.68 -21.98
CA MET A 74 3.01 13.10 -22.08
C MET A 74 1.80 13.34 -23.00
N SER A 75 1.73 12.60 -24.10
CA SER A 75 0.62 12.75 -25.04
C SER A 75 -0.74 12.49 -24.39
N PHE A 76 -0.80 11.51 -23.49
CA PHE A 76 -2.04 11.17 -22.78
C PHE A 76 -2.60 12.37 -22.02
N LEU A 77 -1.74 13.07 -21.29
CA LEU A 77 -2.18 14.22 -20.53
C LEU A 77 -2.80 15.28 -21.44
N ARG A 78 -2.45 15.24 -22.72
CA ARG A 78 -2.97 16.20 -23.68
C ARG A 78 -4.33 15.86 -24.27
N LYS A 79 -4.69 14.57 -24.31
CA LYS A 79 -5.98 14.17 -24.88
C LYS A 79 -7.20 14.82 -24.22
N GLU A 80 -7.00 15.45 -23.07
CA GLU A 80 -8.09 16.13 -22.36
C GLU A 80 -7.63 17.56 -22.07
N ALA A 81 -8.21 18.51 -22.80
CA ALA A 81 -7.87 19.93 -22.68
C ALA A 81 -7.77 20.47 -21.26
N GLU A 82 -8.90 20.67 -20.61
CA GLU A 82 -8.93 21.19 -19.25
C GLU A 82 -7.95 20.49 -18.31
N HIS A 83 -7.91 19.16 -18.39
CA HIS A 83 -7.04 18.34 -17.56
C HIS A 83 -5.56 18.72 -17.66
N VAL A 84 -5.03 18.73 -18.86
CA VAL A 84 -3.62 19.06 -19.06
C VAL A 84 -3.31 20.52 -18.73
N GLU A 85 -4.30 21.40 -18.87
CA GLU A 85 -4.12 22.81 -18.58
C GLU A 85 -3.96 23.06 -17.08
N GLY A 86 -4.66 22.26 -16.27
CA GLY A 86 -4.59 22.40 -14.83
C GLY A 86 -3.44 21.67 -14.16
N PHE A 87 -2.87 20.68 -14.83
CA PHE A 87 -1.76 19.93 -14.25
C PHE A 87 -0.42 20.20 -14.89
N SER A 88 -0.44 20.56 -16.17
CA SER A 88 0.77 20.84 -16.93
C SER A 88 1.85 21.57 -16.14
N PRO A 89 1.46 22.61 -15.37
CA PRO A 89 2.43 23.39 -14.58
C PRO A 89 3.18 22.59 -13.51
N GLU A 90 2.45 21.77 -12.76
CA GLU A 90 3.05 21.00 -11.67
C GLU A 90 3.53 19.58 -11.95
N LEU A 91 3.94 19.31 -13.18
CA LEU A 91 4.40 17.97 -13.53
C LEU A 91 5.91 17.75 -13.38
N ALA A 92 6.29 16.53 -13.01
CA ALA A 92 7.70 16.19 -12.91
C ALA A 92 7.85 15.34 -14.16
N VAL A 93 8.93 15.52 -14.91
CA VAL A 93 9.07 14.76 -16.14
C VAL A 93 10.34 13.94 -16.29
N VAL A 94 10.17 12.69 -16.70
CA VAL A 94 11.29 11.80 -16.94
C VAL A 94 11.61 11.98 -18.41
N THR A 95 12.86 12.32 -18.71
CA THR A 95 13.29 12.52 -20.10
C THR A 95 14.41 11.55 -20.42
N HIS A 96 15.26 11.34 -19.44
CA HIS A 96 16.39 10.44 -19.56
C HIS A 96 16.00 9.16 -18.82
N ALA A 97 16.34 8.01 -19.38
CA ALA A 97 16.02 6.74 -18.76
C ALA A 97 16.84 5.62 -19.36
N GLY A 98 17.49 4.84 -18.51
CA GLY A 98 18.31 3.74 -18.99
C GLY A 98 19.55 4.15 -19.76
N GLY A 99 19.93 5.42 -19.65
CA GLY A 99 21.11 5.90 -20.34
C GLY A 99 20.83 6.74 -21.56
N GLU A 100 19.77 6.42 -22.30
CA GLU A 100 19.43 7.18 -23.49
C GLU A 100 18.31 8.18 -23.19
N GLU A 101 18.02 9.05 -24.15
CA GLU A 101 16.96 10.04 -23.99
C GLU A 101 15.71 9.39 -24.56
N LEU A 102 14.59 9.55 -23.87
CA LEU A 102 13.34 8.94 -24.30
C LEU A 102 12.75 9.51 -25.57
N GLU A 103 12.05 8.66 -26.32
CA GLU A 103 11.41 9.10 -27.55
C GLU A 103 10.38 10.15 -27.16
N GLU A 104 9.48 9.78 -26.26
CA GLU A 104 8.46 10.70 -25.76
C GLU A 104 8.72 10.85 -24.27
N PRO A 105 8.79 12.09 -23.77
CA PRO A 105 9.02 12.28 -22.34
C PRO A 105 7.86 11.72 -21.50
N LEU A 106 8.21 11.10 -20.37
CA LEU A 106 7.22 10.51 -19.49
C LEU A 106 6.91 11.41 -18.29
N ALA A 107 5.64 11.53 -17.97
CA ALA A 107 5.23 12.35 -16.84
C ALA A 107 4.98 11.48 -15.61
N VAL A 108 5.46 11.92 -14.45
CA VAL A 108 5.19 11.16 -13.25
C VAL A 108 3.75 11.53 -12.90
N ARG A 109 2.91 10.50 -12.80
CA ARG A 109 1.49 10.73 -12.54
C ARG A 109 1.15 11.71 -11.44
N PRO A 110 0.30 12.69 -11.76
CA PRO A 110 -0.15 13.70 -10.81
C PRO A 110 -1.55 13.21 -10.39
N THR A 111 -2.10 12.36 -11.25
CA THR A 111 -3.42 11.76 -11.07
C THR A 111 -3.52 10.75 -12.20
N SER A 112 -4.37 9.73 -12.04
CA SER A 112 -4.45 8.65 -13.02
C SER A 112 -5.61 8.53 -14.01
N GLU A 113 -6.51 9.52 -14.08
CA GLU A 113 -7.63 9.41 -15.02
C GLU A 113 -7.23 8.98 -16.43
N THR A 114 -6.24 9.64 -17.00
CA THR A 114 -5.81 9.33 -18.35
C THR A 114 -5.36 7.90 -18.59
N VAL A 115 -4.36 7.43 -17.86
CA VAL A 115 -3.90 6.06 -18.06
C VAL A 115 -5.02 5.04 -17.90
N ILE A 116 -5.90 5.26 -16.92
CA ILE A 116 -6.99 4.34 -16.69
C ILE A 116 -7.95 4.43 -17.85
N GLY A 117 -8.11 5.64 -18.39
CA GLY A 117 -8.99 5.85 -19.52
C GLY A 117 -8.50 4.99 -20.67
N TYR A 118 -7.22 5.11 -20.96
CA TYR A 118 -6.59 4.32 -22.01
C TYR A 118 -6.93 2.84 -21.84
N MET A 119 -6.66 2.30 -20.66
CA MET A 119 -6.96 0.90 -20.40
C MET A 119 -8.45 0.59 -20.51
N TRP A 120 -9.29 1.47 -19.98
CA TRP A 120 -10.73 1.23 -20.04
C TRP A 120 -11.14 1.12 -21.49
N SER A 121 -10.52 1.97 -22.32
CA SER A 121 -10.80 2.00 -23.73
C SER A 121 -10.76 0.58 -24.30
N LYS A 122 -9.75 -0.19 -23.91
CA LYS A 122 -9.62 -1.55 -24.40
C LYS A 122 -10.32 -2.63 -23.60
N TRP A 123 -10.75 -2.33 -22.38
CA TRP A 123 -11.43 -3.35 -21.60
C TRP A 123 -12.94 -3.32 -21.75
N ILE A 124 -13.52 -2.13 -21.73
CA ILE A 124 -14.95 -2.00 -21.84
C ILE A 124 -15.43 -2.19 -23.27
N ARG A 125 -16.45 -3.02 -23.44
CA ARG A 125 -17.01 -3.27 -24.76
C ARG A 125 -18.54 -3.35 -24.68
N SER A 126 -19.06 -3.89 -23.60
CA SER A 126 -20.50 -4.03 -23.46
C SER A 126 -20.96 -3.49 -22.11
N TRP A 127 -22.26 -3.25 -21.97
CA TRP A 127 -22.76 -2.76 -20.71
C TRP A 127 -22.51 -3.82 -19.61
N ARG A 128 -22.51 -5.10 -19.99
CA ARG A 128 -22.25 -6.15 -19.01
C ARG A 128 -20.83 -5.97 -18.45
N ASP A 129 -20.08 -5.03 -19.02
CA ASP A 129 -18.72 -4.74 -18.57
C ASP A 129 -18.68 -3.58 -17.55
N LEU A 130 -19.84 -3.02 -17.24
CA LEU A 130 -19.94 -1.92 -16.30
C LEU A 130 -20.83 -2.32 -15.15
N PRO A 131 -20.73 -1.62 -14.01
CA PRO A 131 -19.81 -0.50 -13.85
C PRO A 131 -18.41 -1.00 -13.53
N GLN A 132 -17.43 -0.15 -13.80
CA GLN A 132 -16.05 -0.46 -13.47
C GLN A 132 -15.89 0.22 -12.11
N LEU A 133 -15.59 -0.54 -11.07
CA LEU A 133 -15.41 0.05 -9.76
C LEU A 133 -13.97 -0.18 -9.28
N LEU A 134 -13.10 0.76 -9.61
CA LEU A 134 -11.69 0.62 -9.26
C LEU A 134 -11.11 1.60 -8.26
N ASN A 135 -10.16 1.11 -7.48
CA ASN A 135 -9.48 1.94 -6.52
C ASN A 135 -8.00 1.61 -6.55
N GLN A 136 -7.18 2.59 -6.26
CA GLN A 136 -5.74 2.37 -6.26
C GLN A 136 -5.05 3.10 -5.13
N TRP A 137 -4.31 2.36 -4.32
CA TRP A 137 -3.56 2.95 -3.21
C TRP A 137 -2.17 3.19 -3.73
N GLY A 138 -1.73 4.44 -3.73
CA GLY A 138 -0.39 4.70 -4.23
C GLY A 138 0.07 6.12 -3.98
N ASN A 139 1.15 6.47 -4.69
CA ASN A 139 1.75 7.78 -4.59
C ASN A 139 1.58 8.57 -5.88
N VAL A 140 1.63 9.88 -5.78
CA VAL A 140 1.51 10.75 -6.94
C VAL A 140 2.39 11.95 -6.70
N VAL A 141 2.89 12.55 -7.78
CA VAL A 141 3.74 13.72 -7.67
C VAL A 141 3.09 14.95 -8.29
N ARG A 142 3.25 16.08 -7.62
CA ARG A 142 2.72 17.35 -8.11
C ARG A 142 3.67 18.43 -7.61
N TRP A 143 4.50 18.93 -8.51
CA TRP A 143 5.47 19.96 -8.17
C TRP A 143 4.73 21.24 -7.91
N GLU A 144 4.34 21.45 -6.66
CA GLU A 144 3.61 22.66 -6.31
C GLU A 144 4.50 23.60 -5.53
N MET A 145 4.25 24.89 -5.72
CA MET A 145 5.00 25.93 -5.02
C MET A 145 4.33 26.06 -3.66
N ARG A 146 5.08 26.45 -2.63
CA ARG A 146 4.51 26.59 -1.29
C ARG A 146 3.96 25.25 -0.83
N THR A 147 4.71 24.56 0.02
CA THR A 147 4.32 23.26 0.54
C THR A 147 4.27 23.24 2.07
N ARG A 148 3.48 22.32 2.61
CA ARG A 148 3.34 22.13 4.05
C ARG A 148 3.25 20.63 4.30
N PRO A 149 3.90 20.12 5.35
CA PRO A 149 3.83 18.68 5.64
C PRO A 149 2.39 18.18 5.64
N PHE A 150 2.16 17.09 4.92
CA PHE A 150 0.85 16.45 4.78
C PHE A 150 -0.18 17.20 3.94
N LEU A 151 -0.42 18.47 4.25
CA LEU A 151 -1.40 19.25 3.51
C LEU A 151 -1.07 19.45 2.04
N ARG A 152 0.21 19.65 1.74
CA ARG A 152 0.63 19.88 0.38
C ARG A 152 2.08 19.52 0.16
N THR A 153 2.33 18.29 -0.27
CA THR A 153 3.69 17.84 -0.50
C THR A 153 3.95 17.45 -1.97
N SER A 154 5.20 17.64 -2.42
CA SER A 154 5.61 17.32 -3.80
C SER A 154 5.14 15.93 -4.20
N GLU A 155 5.38 14.96 -3.32
CA GLU A 155 4.92 13.60 -3.54
C GLU A 155 4.02 13.33 -2.35
N PHE A 156 2.99 12.54 -2.55
CA PHE A 156 2.10 12.23 -1.44
C PHE A 156 1.33 10.96 -1.67
N LEU A 157 1.01 10.27 -0.58
CA LEU A 157 0.27 9.05 -0.66
C LEU A 157 -1.20 9.38 -0.59
N TRP A 158 -2.01 8.58 -1.29
CA TRP A 158 -3.45 8.79 -1.28
C TRP A 158 -4.10 7.53 -1.81
N GLN A 159 -5.38 7.64 -2.02
CA GLN A 159 -6.17 6.58 -2.59
C GLN A 159 -6.91 7.29 -3.71
N GLU A 160 -6.88 6.76 -4.92
CA GLU A 160 -7.62 7.40 -6.01
C GLU A 160 -8.59 6.41 -6.64
N GLY A 161 -9.88 6.70 -6.51
CA GLY A 161 -10.92 5.85 -7.04
C GLY A 161 -11.36 6.30 -8.43
N HIS A 162 -11.60 5.31 -9.28
CA HIS A 162 -12.02 5.56 -10.65
C HIS A 162 -13.12 4.58 -11.02
N THR A 163 -14.26 5.12 -11.45
CA THR A 163 -15.36 4.27 -11.85
C THR A 163 -15.88 4.67 -13.22
N ALA A 164 -16.47 3.71 -13.92
CA ALA A 164 -17.04 3.94 -15.24
C ALA A 164 -18.45 3.37 -15.18
N HIS A 165 -19.43 4.15 -15.65
CA HIS A 165 -20.81 3.71 -15.62
C HIS A 165 -21.50 3.84 -16.97
N ALA A 166 -22.59 3.08 -17.12
CA ALA A 166 -23.38 3.09 -18.34
C ALA A 166 -24.29 4.33 -18.39
N THR A 167 -24.77 4.75 -17.24
CA THR A 167 -25.65 5.91 -17.18
C THR A 167 -25.14 7.05 -16.31
N ARG A 168 -25.53 8.27 -16.67
CA ARG A 168 -25.12 9.44 -15.92
C ARG A 168 -25.66 9.33 -14.50
N GLU A 169 -26.87 8.80 -14.37
CA GLU A 169 -27.47 8.68 -13.05
C GLU A 169 -26.62 7.81 -12.14
N GLU A 170 -26.24 6.63 -12.60
CA GLU A 170 -25.44 5.73 -11.78
C GLU A 170 -24.11 6.37 -11.38
N ALA A 171 -23.52 7.12 -12.31
CA ALA A 171 -22.25 7.79 -12.05
C ALA A 171 -22.39 8.87 -11.00
N GLU A 172 -23.49 9.59 -11.03
CA GLU A 172 -23.69 10.66 -10.06
C GLU A 172 -23.98 10.08 -8.67
N GLU A 173 -24.62 8.93 -8.63
CA GLU A 173 -24.91 8.34 -7.34
C GLU A 173 -23.59 7.87 -6.76
N GLU A 174 -22.71 7.38 -7.62
CA GLU A 174 -21.40 6.92 -7.17
C GLU A 174 -20.68 8.11 -6.57
N VAL A 175 -20.70 9.24 -7.26
CA VAL A 175 -20.01 10.42 -6.76
C VAL A 175 -20.42 10.74 -5.33
N ARG A 176 -21.72 10.72 -5.05
CA ARG A 176 -22.17 11.02 -3.72
C ARG A 176 -21.90 9.89 -2.74
N ARG A 177 -22.01 8.66 -3.21
CA ARG A 177 -21.75 7.53 -2.35
C ARG A 177 -20.34 7.63 -1.75
N MET A 178 -19.37 8.02 -2.56
CA MET A 178 -18.01 8.12 -2.09
C MET A 178 -17.78 9.31 -1.18
N LEU A 179 -18.33 10.48 -1.54
CA LEU A 179 -18.16 11.66 -0.70
C LEU A 179 -18.75 11.37 0.66
N SER A 180 -19.75 10.51 0.69
CA SER A 180 -20.36 10.17 1.96
C SER A 180 -19.43 9.26 2.76
N ILE A 181 -18.65 8.44 2.04
CA ILE A 181 -17.72 7.55 2.71
C ILE A 181 -16.65 8.43 3.35
N TYR A 182 -16.13 9.38 2.58
CA TYR A 182 -15.12 10.29 3.09
C TYR A 182 -15.66 11.01 4.32
N ALA A 183 -16.90 11.48 4.24
CA ALA A 183 -17.49 12.18 5.37
C ALA A 183 -17.69 11.25 6.56
N ARG A 184 -18.00 9.99 6.29
CA ARG A 184 -18.19 9.05 7.38
C ARG A 184 -16.83 8.88 8.06
N LEU A 185 -15.77 8.79 7.27
CA LEU A 185 -14.43 8.64 7.82
C LEU A 185 -14.10 9.84 8.71
N ALA A 186 -14.35 11.05 8.20
CA ALA A 186 -14.07 12.25 8.97
C ALA A 186 -14.88 12.34 10.27
N ARG A 187 -16.16 12.02 10.22
CA ARG A 187 -16.99 12.13 11.42
C ARG A 187 -16.93 10.96 12.38
N GLU A 188 -17.19 9.76 11.89
CA GLU A 188 -17.18 8.58 12.74
C GLU A 188 -15.79 8.10 13.14
N TYR A 189 -14.76 8.48 12.39
CA TYR A 189 -13.42 8.01 12.72
C TYR A 189 -12.38 9.04 13.12
N ALA A 190 -12.44 10.23 12.54
CA ALA A 190 -11.47 11.28 12.86
C ALA A 190 -12.07 12.32 13.78
N ALA A 191 -13.38 12.23 14.00
CA ALA A 191 -14.09 13.16 14.86
C ALA A 191 -13.97 14.59 14.31
N ILE A 192 -13.74 14.71 13.01
CA ILE A 192 -13.62 16.00 12.36
C ILE A 192 -14.95 16.39 11.69
N PRO A 193 -15.58 17.48 12.13
CA PRO A 193 -16.83 17.82 11.44
C PRO A 193 -16.49 18.38 10.07
N VAL A 194 -17.34 18.12 9.09
CA VAL A 194 -17.10 18.61 7.74
C VAL A 194 -18.39 19.08 7.09
N ILE A 195 -18.26 19.82 6.01
CA ILE A 195 -19.42 20.29 5.27
C ILE A 195 -19.39 19.63 3.90
N GLU A 196 -20.42 18.84 3.61
CA GLU A 196 -20.53 18.17 2.30
C GLU A 196 -21.12 19.20 1.33
N GLY A 197 -20.39 19.52 0.28
CA GLY A 197 -20.90 20.49 -0.67
C GLY A 197 -20.34 20.38 -2.06
N LEU A 198 -20.67 21.37 -2.87
CA LEU A 198 -20.25 21.40 -4.26
C LEU A 198 -19.32 22.57 -4.55
N LYS A 199 -18.21 22.31 -5.21
CA LYS A 199 -17.27 23.35 -5.58
C LYS A 199 -17.90 24.19 -6.67
N THR A 200 -17.53 25.46 -6.76
CA THR A 200 -18.03 26.34 -7.81
C THR A 200 -17.13 26.10 -9.03
N GLU A 201 -17.64 26.38 -10.23
CA GLU A 201 -16.87 26.18 -11.44
C GLU A 201 -15.39 26.52 -11.30
N LYS A 202 -15.13 27.73 -10.81
CA LYS A 202 -13.76 28.18 -10.62
C LYS A 202 -12.88 27.21 -9.85
N GLU A 203 -13.43 26.60 -8.80
CA GLU A 203 -12.67 25.68 -7.96
C GLU A 203 -12.72 24.18 -8.24
N LYS A 204 -13.44 23.76 -9.28
CA LYS A 204 -13.55 22.32 -9.56
C LYS A 204 -12.29 21.68 -10.11
N PHE A 205 -12.29 20.35 -10.12
CA PHE A 205 -11.17 19.55 -10.60
C PHE A 205 -11.00 19.70 -12.10
N ALA A 206 -9.76 19.92 -12.54
CA ALA A 206 -9.46 20.08 -13.96
C ALA A 206 -9.85 18.85 -14.74
N GLY A 207 -10.88 18.97 -15.57
CA GLY A 207 -11.32 17.84 -16.36
C GLY A 207 -12.64 17.28 -15.88
N ALA A 208 -13.17 17.82 -14.78
CA ALA A 208 -14.43 17.32 -14.24
C ALA A 208 -15.62 18.18 -14.63
N VAL A 209 -16.79 17.56 -14.67
CA VAL A 209 -18.00 18.29 -14.97
C VAL A 209 -18.25 19.12 -13.70
N TYR A 210 -18.33 18.43 -12.57
CA TYR A 210 -18.50 19.10 -11.28
C TYR A 210 -17.70 18.37 -10.20
N THR A 211 -17.40 19.07 -9.11
CA THR A 211 -16.62 18.50 -8.00
C THR A 211 -17.33 18.60 -6.66
N THR A 212 -17.45 17.49 -5.96
CA THR A 212 -18.06 17.53 -4.63
C THR A 212 -16.92 17.48 -3.61
N THR A 213 -17.15 17.98 -2.42
CA THR A 213 -16.08 18.00 -1.44
C THR A 213 -16.50 18.01 0.03
N ILE A 214 -15.54 17.72 0.91
CA ILE A 214 -15.80 17.78 2.34
C ILE A 214 -14.87 18.89 2.84
N GLU A 215 -15.42 19.88 3.51
CA GLU A 215 -14.59 20.98 4.01
C GLU A 215 -14.57 21.00 5.54
N ALA A 216 -13.38 21.07 6.10
CA ALA A 216 -13.21 21.10 7.56
C ALA A 216 -12.62 22.44 7.97
N LEU A 217 -12.86 22.83 9.22
CA LEU A 217 -12.32 24.08 9.73
C LEU A 217 -11.22 23.74 10.72
N MET A 218 -10.03 24.29 10.50
CA MET A 218 -8.91 24.03 11.40
C MET A 218 -8.96 24.98 12.60
N LYS A 219 -8.28 24.61 13.67
CA LYS A 219 -8.30 25.43 14.88
C LYS A 219 -7.80 26.84 14.65
N ASP A 220 -7.05 27.04 13.57
CA ASP A 220 -6.57 28.38 13.30
C ASP A 220 -7.58 29.20 12.48
N GLY A 221 -8.76 28.64 12.25
CA GLY A 221 -9.78 29.37 11.51
C GLY A 221 -9.73 29.23 9.99
N LYS A 222 -8.73 28.55 9.48
CA LYS A 222 -8.63 28.34 8.03
C LYS A 222 -9.38 27.08 7.60
N ALA A 223 -9.90 27.08 6.38
CA ALA A 223 -10.65 25.93 5.88
C ALA A 223 -9.70 24.97 5.20
N LEU A 224 -10.07 23.70 5.19
CA LEU A 224 -9.25 22.69 4.56
C LEU A 224 -10.13 21.67 3.87
N GLN A 225 -9.87 21.45 2.59
CA GLN A 225 -10.62 20.46 1.83
C GLN A 225 -9.90 19.14 2.13
N ALA A 226 -10.63 18.18 2.71
CA ALA A 226 -10.05 16.91 3.11
C ALA A 226 -10.35 15.73 2.20
N GLY A 227 -11.17 15.96 1.18
CA GLY A 227 -11.49 14.88 0.26
C GLY A 227 -12.39 15.37 -0.85
N THR A 228 -12.20 14.81 -2.04
CA THR A 228 -13.01 15.24 -3.18
C THR A 228 -13.55 14.08 -3.98
N SER A 229 -14.68 14.30 -4.63
CA SER A 229 -15.30 13.28 -5.47
C SER A 229 -15.84 14.01 -6.69
N HIS A 230 -15.40 13.58 -7.88
CA HIS A 230 -15.78 14.23 -9.12
C HIS A 230 -16.63 13.45 -10.11
N TYR A 231 -17.57 14.15 -10.73
CA TYR A 231 -18.38 13.55 -11.77
C TYR A 231 -17.64 14.01 -13.02
N LEU A 232 -17.04 13.07 -13.73
CA LEU A 232 -16.28 13.42 -14.93
C LEU A 232 -17.10 13.40 -16.21
N GLY A 233 -18.34 12.95 -16.10
CA GLY A 233 -19.19 12.86 -17.27
C GLY A 233 -18.55 11.98 -18.34
N GLU A 234 -18.49 12.50 -19.56
CA GLU A 234 -17.92 11.76 -20.67
C GLU A 234 -16.62 12.40 -21.15
N ASN A 235 -16.09 13.31 -20.36
CA ASN A 235 -14.86 13.99 -20.74
C ASN A 235 -13.73 13.05 -21.06
N PHE A 236 -13.48 12.08 -20.19
CA PHE A 236 -12.41 11.14 -20.46
C PHE A 236 -12.84 10.04 -21.37
N ALA A 237 -14.13 9.71 -21.32
CA ALA A 237 -14.67 8.67 -22.18
C ALA A 237 -14.49 9.13 -23.62
N ARG A 238 -14.75 10.40 -23.87
CA ARG A 238 -14.61 10.97 -25.21
C ARG A 238 -13.16 11.14 -25.60
N ALA A 239 -12.33 11.52 -24.65
CA ALA A 239 -10.93 11.74 -24.92
C ALA A 239 -10.20 10.44 -25.25
N PHE A 240 -10.61 9.37 -24.60
CA PHE A 240 -9.93 8.09 -24.81
C PHE A 240 -10.76 7.05 -25.53
N ASP A 241 -11.88 7.49 -26.08
CA ASP A 241 -12.75 6.59 -26.84
C ASP A 241 -13.17 5.39 -25.99
N ILE A 242 -13.93 5.65 -24.94
CA ILE A 242 -14.41 4.61 -24.06
C ILE A 242 -15.90 4.46 -24.32
N LYS A 243 -16.26 3.53 -25.20
CA LYS A 243 -17.65 3.29 -25.54
C LYS A 243 -18.04 1.85 -25.26
N PHE A 244 -19.33 1.59 -25.33
CA PHE A 244 -19.87 0.25 -25.12
C PHE A 244 -21.23 0.19 -25.79
N GLN A 245 -21.67 -1.03 -26.09
CA GLN A 245 -22.97 -1.23 -26.70
C GLN A 245 -23.96 -1.63 -25.61
N ASP A 246 -25.01 -0.82 -25.47
CA ASP A 246 -26.02 -1.01 -24.43
C ASP A 246 -27.11 -2.03 -24.72
N ARG A 247 -28.01 -2.19 -23.76
CA ARG A 247 -29.12 -3.13 -23.90
C ARG A 247 -30.07 -2.68 -25.00
N ASP A 248 -29.82 -1.51 -25.58
CA ASP A 248 -30.71 -1.01 -26.63
C ASP A 248 -29.99 -0.93 -27.98
N LEU A 249 -28.99 -1.77 -28.17
CA LEU A 249 -28.23 -1.81 -29.40
C LEU A 249 -27.44 -0.52 -29.67
N GLN A 250 -27.72 0.54 -28.90
CA GLN A 250 -27.02 1.81 -29.09
C GLN A 250 -25.60 1.83 -28.51
N VAL A 251 -24.65 2.34 -29.28
CA VAL A 251 -23.29 2.42 -28.76
C VAL A 251 -23.10 3.80 -28.14
N LYS A 252 -22.61 3.84 -26.90
CA LYS A 252 -22.41 5.12 -26.24
C LYS A 252 -21.22 5.19 -25.32
N TYR A 253 -20.93 6.41 -24.88
CA TYR A 253 -19.83 6.71 -23.97
C TYR A 253 -20.19 6.38 -22.55
N VAL A 254 -19.22 5.89 -21.79
CA VAL A 254 -19.45 5.58 -20.38
C VAL A 254 -19.37 6.90 -19.63
N HIS A 255 -19.89 6.92 -18.41
CA HIS A 255 -19.79 8.12 -17.60
C HIS A 255 -18.90 7.72 -16.43
N THR A 256 -17.76 8.39 -16.31
CA THR A 256 -16.81 8.07 -15.25
C THR A 256 -16.84 9.03 -14.08
N THR A 257 -16.33 8.57 -12.94
CA THR A 257 -16.23 9.40 -11.75
C THR A 257 -14.84 9.20 -11.20
N SER A 258 -14.43 10.10 -10.33
CA SER A 258 -13.10 10.06 -9.75
C SER A 258 -13.20 10.57 -8.32
N TRP A 259 -12.46 9.96 -7.41
CA TRP A 259 -12.46 10.40 -6.00
C TRP A 259 -11.15 10.05 -5.32
N GLY A 260 -10.73 10.90 -4.40
CA GLY A 260 -9.49 10.64 -3.70
C GLY A 260 -9.33 11.37 -2.39
N LEU A 261 -8.57 10.75 -1.50
CA LEU A 261 -8.27 11.31 -0.19
C LEU A 261 -6.80 11.01 0.06
N SER A 262 -5.99 12.04 0.27
CA SER A 262 -4.55 11.90 0.50
C SER A 262 -4.15 11.94 1.98
N TRP A 263 -2.86 11.80 2.27
CA TRP A 263 -2.44 11.84 3.66
C TRP A 263 -2.64 13.23 4.26
N ARG A 264 -3.14 14.14 3.43
CA ARG A 264 -3.46 15.47 3.89
C ARG A 264 -4.47 15.28 5.03
N PHE A 265 -5.23 14.18 4.96
CA PHE A 265 -6.22 13.90 5.98
C PHE A 265 -5.54 13.88 7.36
N ILE A 266 -4.29 13.45 7.41
CA ILE A 266 -3.57 13.41 8.67
C ILE A 266 -3.40 14.83 9.19
N GLY A 267 -3.15 15.77 8.28
CA GLY A 267 -3.00 17.14 8.68
C GLY A 267 -4.29 17.66 9.26
N ALA A 268 -5.40 17.26 8.66
CA ALA A 268 -6.69 17.71 9.15
C ALA A 268 -6.86 17.21 10.57
N ILE A 269 -6.43 15.99 10.84
CA ILE A 269 -6.55 15.42 12.17
C ILE A 269 -5.76 16.27 13.15
N ILE A 270 -4.51 16.53 12.81
CA ILE A 270 -3.61 17.34 13.64
C ILE A 270 -4.18 18.72 13.94
N MET A 271 -4.52 19.48 12.90
CA MET A 271 -5.02 20.83 13.08
C MET A 271 -6.46 20.98 13.56
N THR A 272 -7.16 19.88 13.78
CA THR A 272 -8.53 19.99 14.24
C THR A 272 -8.63 19.75 15.74
N HIS A 273 -7.84 18.80 16.24
CA HIS A 273 -7.87 18.47 17.66
C HIS A 273 -6.63 18.87 18.46
N GLY A 274 -5.52 19.08 17.78
CA GLY A 274 -4.29 19.45 18.46
C GLY A 274 -4.43 20.66 19.36
N ASP A 275 -3.65 20.69 20.42
CA ASP A 275 -3.68 21.80 21.35
C ASP A 275 -2.25 22.21 21.67
N ASP A 276 -2.09 23.11 22.64
CA ASP A 276 -0.76 23.58 23.01
C ASP A 276 0.11 22.51 23.63
N ARG A 277 -0.54 21.46 24.15
CA ARG A 277 0.16 20.35 24.77
C ARG A 277 0.52 19.36 23.67
N GLY A 278 0.08 19.65 22.45
CA GLY A 278 0.41 18.76 21.35
C GLY A 278 -0.76 18.10 20.66
N LEU A 279 -0.52 16.92 20.10
CA LEU A 279 -1.56 16.16 19.39
C LEU A 279 -2.67 15.66 20.29
N VAL A 280 -3.79 15.37 19.67
CA VAL A 280 -4.95 14.78 20.34
C VAL A 280 -5.49 13.96 19.19
N LEU A 281 -5.27 12.65 19.25
CA LEU A 281 -5.70 11.76 18.19
C LEU A 281 -7.04 11.10 18.46
N PRO A 282 -7.90 11.03 17.44
CA PRO A 282 -9.20 10.38 17.62
C PRO A 282 -8.93 8.90 17.92
N PRO A 283 -9.61 8.34 18.94
CA PRO A 283 -9.45 6.93 19.35
C PRO A 283 -9.46 5.86 18.27
N ARG A 284 -10.34 6.00 17.29
CA ARG A 284 -10.49 4.99 16.24
C ARG A 284 -9.47 5.05 15.09
N LEU A 285 -8.47 5.91 15.23
CA LEU A 285 -7.44 6.03 14.19
C LEU A 285 -6.09 6.13 14.87
N ALA A 286 -6.15 6.30 16.18
CA ALA A 286 -4.95 6.43 16.99
C ALA A 286 -4.12 5.14 16.98
N PRO A 287 -2.84 5.24 16.62
CA PRO A 287 -2.08 3.99 16.64
C PRO A 287 -1.96 3.41 18.05
N ILE A 288 -1.94 4.28 19.06
CA ILE A 288 -1.91 3.80 20.45
C ILE A 288 -3.11 4.46 21.13
N GLN A 289 -4.01 3.65 21.67
CA GLN A 289 -5.21 4.20 22.33
C GLN A 289 -5.01 4.26 23.83
N VAL A 290 -4.16 3.38 24.32
CA VAL A 290 -3.88 3.34 25.74
C VAL A 290 -2.40 3.15 25.94
N VAL A 291 -1.86 3.91 26.87
CA VAL A 291 -0.45 3.79 27.20
C VAL A 291 -0.42 3.51 28.68
N ILE A 292 0.25 2.43 29.04
CA ILE A 292 0.35 2.04 30.44
C ILE A 292 1.69 2.51 30.95
N VAL A 293 1.67 3.43 31.90
CA VAL A 293 2.90 3.93 32.47
C VAL A 293 3.07 3.34 33.87
N PRO A 294 4.06 2.46 34.05
CA PRO A 294 4.26 1.88 35.37
C PRO A 294 5.15 2.81 36.16
N ILE A 295 4.79 3.05 37.42
CA ILE A 295 5.55 3.92 38.30
C ILE A 295 6.10 3.00 39.40
N TYR A 296 7.35 3.21 39.80
CA TYR A 296 7.92 2.34 40.83
C TYR A 296 9.26 2.77 41.43
N LYS A 297 9.85 1.82 42.15
CA LYS A 297 11.15 1.94 42.81
C LYS A 297 11.66 0.50 42.85
N ASP A 298 12.97 0.32 42.85
CA ASP A 298 13.57 -1.01 42.83
C ASP A 298 12.87 -2.10 43.66
N GLU A 299 12.51 -1.77 44.90
CA GLU A 299 11.85 -2.75 45.77
C GLU A 299 10.40 -3.06 45.37
N SER A 300 9.92 -2.42 44.31
CA SER A 300 8.56 -2.64 43.85
C SER A 300 8.51 -2.83 42.33
N ARG A 301 9.64 -2.57 41.68
CA ARG A 301 9.76 -2.70 40.24
C ARG A 301 9.33 -4.08 39.73
N GLU A 302 9.32 -5.05 40.62
CA GLU A 302 8.93 -6.41 40.24
C GLU A 302 7.41 -6.54 40.08
N ARG A 303 6.67 -6.20 41.13
CA ARG A 303 5.21 -6.32 41.09
C ARG A 303 4.52 -5.32 40.16
N VAL A 304 5.03 -4.09 40.12
CA VAL A 304 4.44 -3.08 39.26
C VAL A 304 4.54 -3.53 37.80
N LEU A 305 5.75 -3.84 37.34
CA LEU A 305 5.94 -4.30 35.97
C LEU A 305 5.15 -5.58 35.70
N GLU A 306 4.97 -6.41 36.72
CA GLU A 306 4.23 -7.65 36.56
C GLU A 306 2.78 -7.28 36.28
N ALA A 307 2.26 -6.40 37.12
CA ALA A 307 0.88 -5.92 36.99
C ALA A 307 0.68 -5.24 35.64
N ALA A 308 1.64 -4.42 35.24
CA ALA A 308 1.59 -3.69 33.98
C ALA A 308 1.55 -4.65 32.80
N GLN A 309 2.46 -5.63 32.80
CA GLN A 309 2.47 -6.61 31.70
C GLN A 309 1.13 -7.33 31.68
N GLY A 310 0.57 -7.55 32.86
CA GLY A 310 -0.70 -8.23 32.96
C GLY A 310 -1.81 -7.43 32.32
N LEU A 311 -1.86 -6.14 32.65
CA LEU A 311 -2.87 -5.25 32.11
C LEU A 311 -2.70 -5.18 30.59
N ARG A 312 -1.46 -5.15 30.14
CA ARG A 312 -1.18 -5.07 28.70
C ARG A 312 -1.89 -6.20 27.96
N GLN A 313 -1.76 -7.41 28.49
CA GLN A 313 -2.42 -8.56 27.87
C GLN A 313 -3.93 -8.43 27.95
N ALA A 314 -4.42 -8.05 29.12
CA ALA A 314 -5.85 -7.90 29.31
C ALA A 314 -6.47 -6.94 28.29
N LEU A 315 -5.77 -5.84 28.02
CA LEU A 315 -6.26 -4.85 27.07
C LEU A 315 -6.16 -5.27 25.60
N LEU A 316 -5.12 -6.03 25.26
CA LEU A 316 -4.97 -6.51 23.88
C LEU A 316 -6.07 -7.53 23.65
N ALA A 317 -6.45 -8.20 24.73
CA ALA A 317 -7.50 -9.21 24.71
C ALA A 317 -8.81 -8.57 24.28
N GLN A 318 -9.00 -7.32 24.66
CA GLN A 318 -10.20 -6.56 24.32
C GLN A 318 -10.08 -6.01 22.90
N GLY A 319 -8.90 -6.20 22.31
CA GLY A 319 -8.65 -5.70 20.96
C GLY A 319 -8.28 -4.23 20.96
N LEU A 320 -7.85 -3.73 22.11
CA LEU A 320 -7.46 -2.34 22.23
C LEU A 320 -6.01 -2.18 21.83
N ARG A 321 -5.69 -1.07 21.20
CA ARG A 321 -4.31 -0.82 20.81
C ARG A 321 -3.59 -0.16 21.99
N VAL A 322 -2.90 -0.99 22.76
CA VAL A 322 -2.18 -0.56 23.95
C VAL A 322 -0.67 -0.56 23.72
N HIS A 323 0.05 0.12 24.60
CA HIS A 323 1.49 0.20 24.55
C HIS A 323 1.98 0.41 25.96
N LEU A 324 2.87 -0.48 26.40
CA LEU A 324 3.42 -0.40 27.75
C LEU A 324 4.73 0.38 27.71
N ASP A 325 4.85 1.42 28.53
CA ASP A 325 6.08 2.19 28.53
C ASP A 325 6.98 1.77 29.70
N ASP A 326 7.79 0.74 29.45
CA ASP A 326 8.73 0.19 30.44
C ASP A 326 9.88 1.14 30.72
N ARG A 327 10.45 1.68 29.65
CA ARG A 327 11.58 2.60 29.72
C ARG A 327 11.98 2.98 31.14
N ASP A 328 12.99 2.28 31.62
CA ASP A 328 13.53 2.46 32.96
C ASP A 328 14.37 3.71 33.08
N GLN A 329 14.74 4.27 31.94
CA GLN A 329 15.59 5.46 31.88
C GLN A 329 14.87 6.81 31.91
N HIS A 330 13.57 6.80 32.14
CA HIS A 330 12.82 8.05 32.18
C HIS A 330 11.83 8.14 33.33
N THR A 331 11.71 9.35 33.87
CA THR A 331 10.78 9.61 34.97
C THR A 331 9.36 9.53 34.45
N PRO A 332 8.41 9.17 35.33
CA PRO A 332 7.01 9.08 34.89
C PRO A 332 6.52 10.42 34.30
N GLY A 333 6.88 11.52 34.96
CA GLY A 333 6.49 12.83 34.48
C GLY A 333 7.00 13.13 33.08
N TYR A 334 8.13 12.51 32.71
CA TYR A 334 8.68 12.71 31.38
C TYR A 334 7.80 11.97 30.40
N LYS A 335 7.45 10.74 30.76
CA LYS A 335 6.61 9.89 29.93
C LYS A 335 5.22 10.51 29.75
N PHE A 336 4.66 11.07 30.82
CA PHE A 336 3.35 11.68 30.71
C PHE A 336 3.34 12.71 29.59
N HIS A 337 4.34 13.60 29.61
CA HIS A 337 4.41 14.64 28.59
C HIS A 337 4.64 14.05 27.21
N GLU A 338 5.43 13.00 27.11
CA GLU A 338 5.67 12.40 25.80
C GLU A 338 4.38 11.90 25.15
N TRP A 339 3.58 11.17 25.92
CA TRP A 339 2.36 10.64 25.38
C TRP A 339 1.22 11.64 25.25
N GLU A 340 1.33 12.80 25.89
CA GLU A 340 0.29 13.79 25.74
C GLU A 340 0.62 14.50 24.43
N LEU A 341 1.92 14.54 24.14
CA LEU A 341 2.37 15.19 22.92
C LEU A 341 1.98 14.36 21.71
N LYS A 342 2.11 13.04 21.84
CA LYS A 342 1.78 12.13 20.75
C LYS A 342 0.29 11.85 20.60
N GLY A 343 -0.50 12.48 21.45
CA GLY A 343 -1.95 12.37 21.39
C GLY A 343 -2.66 11.08 21.76
N VAL A 344 -2.07 10.28 22.65
CA VAL A 344 -2.71 9.04 23.05
C VAL A 344 -3.93 9.39 23.89
N PRO A 345 -5.10 8.90 23.49
CA PRO A 345 -6.34 9.19 24.22
C PRO A 345 -6.30 8.91 25.71
N PHE A 346 -5.77 7.75 26.08
CA PHE A 346 -5.72 7.37 27.48
C PHE A 346 -4.38 6.90 28.01
N ARG A 347 -4.23 7.08 29.32
CA ARG A 347 -3.05 6.69 30.05
C ARG A 347 -3.49 5.94 31.29
N VAL A 348 -2.88 4.80 31.55
CA VAL A 348 -3.22 4.05 32.74
C VAL A 348 -1.99 4.15 33.63
N GLU A 349 -2.16 4.66 34.85
CA GLU A 349 -1.04 4.79 35.77
C GLU A 349 -1.05 3.66 36.78
N LEU A 350 -0.04 2.81 36.73
CA LEU A 350 0.08 1.70 37.67
C LEU A 350 1.26 1.93 38.60
N GLY A 351 0.96 2.13 39.88
CA GLY A 351 2.01 2.37 40.85
C GLY A 351 2.25 1.27 41.86
N PRO A 352 3.13 1.51 42.84
CA PRO A 352 3.47 0.53 43.89
C PRO A 352 2.24 0.18 44.72
N LYS A 353 1.62 1.21 45.26
CA LYS A 353 0.44 1.08 46.10
C LYS A 353 -0.74 0.40 45.40
N ASP A 354 -0.90 0.70 44.11
CA ASP A 354 -2.02 0.15 43.35
C ASP A 354 -2.11 -1.36 43.20
N LEU A 355 -1.16 -2.09 43.76
CA LEU A 355 -1.27 -3.54 43.66
C LEU A 355 -2.19 -4.03 44.77
N GLU A 356 -1.79 -3.83 46.01
CA GLU A 356 -2.62 -4.25 47.15
C GLU A 356 -3.99 -3.57 47.08
N GLY A 357 -4.02 -2.37 46.51
CA GLY A 357 -5.26 -1.63 46.39
C GLY A 357 -6.17 -2.20 45.32
N GLY A 358 -5.56 -2.74 44.27
CA GLY A 358 -6.33 -3.33 43.18
C GLY A 358 -6.87 -2.34 42.18
N GLN A 359 -6.60 -1.06 42.40
CA GLN A 359 -7.10 -0.02 41.49
C GLN A 359 -5.98 0.65 40.73
N ALA A 360 -6.36 1.50 39.78
CA ALA A 360 -5.39 2.24 38.96
C ALA A 360 -6.00 3.57 38.55
N VAL A 361 -5.15 4.44 38.02
CA VAL A 361 -5.61 5.75 37.59
C VAL A 361 -5.68 5.82 36.08
N LEU A 362 -6.86 6.16 35.58
CA LEU A 362 -7.09 6.30 34.15
C LEU A 362 -7.19 7.79 33.86
N ALA A 363 -6.27 8.29 33.04
CA ALA A 363 -6.23 9.70 32.69
C ALA A 363 -6.42 9.92 31.19
N SER A 364 -7.40 10.75 30.82
CA SER A 364 -7.65 10.99 29.39
C SER A 364 -7.04 12.28 28.93
N ARG A 365 -6.62 12.27 27.66
CA ARG A 365 -6.00 13.44 27.06
C ARG A 365 -6.97 14.61 27.01
N LEU A 366 -8.21 14.37 27.44
CA LEU A 366 -9.21 15.42 27.40
C LEU A 366 -9.53 15.99 28.78
N GLY A 367 -8.75 15.62 29.79
CA GLY A 367 -8.99 16.18 31.12
C GLY A 367 -9.63 15.27 32.13
N GLY A 368 -9.95 14.05 31.71
CA GLY A 368 -10.56 13.12 32.63
C GLY A 368 -9.49 12.45 33.47
N LYS A 369 -9.88 12.09 34.68
CA LYS A 369 -8.97 11.41 35.58
C LYS A 369 -9.87 10.69 36.56
N GLU A 370 -9.77 9.37 36.61
CA GLU A 370 -10.59 8.59 37.52
C GLU A 370 -9.83 7.38 38.01
N THR A 371 -10.30 6.80 39.12
CA THR A 371 -9.68 5.63 39.70
C THR A 371 -10.59 4.45 39.45
N LEU A 372 -10.01 3.38 38.90
CA LEU A 372 -10.79 2.21 38.60
C LEU A 372 -10.10 0.95 39.03
N PRO A 373 -10.88 -0.10 39.28
CA PRO A 373 -10.26 -1.37 39.68
C PRO A 373 -9.65 -1.95 38.41
N LEU A 374 -8.39 -2.39 38.49
CA LEU A 374 -7.69 -2.96 37.35
C LEU A 374 -8.51 -3.98 36.56
N ALA A 375 -9.43 -4.67 37.25
CA ALA A 375 -10.24 -5.68 36.58
C ALA A 375 -11.30 -5.02 35.70
N ALA A 376 -11.82 -3.88 36.16
CA ALA A 376 -12.85 -3.15 35.44
C ALA A 376 -12.34 -2.49 34.17
N LEU A 377 -11.08 -2.08 34.20
CA LEU A 377 -10.47 -1.39 33.07
C LEU A 377 -10.73 -1.97 31.69
N PRO A 378 -10.31 -3.21 31.43
CA PRO A 378 -10.53 -3.81 30.11
C PRO A 378 -11.96 -3.67 29.58
N GLU A 379 -12.95 -3.89 30.43
CA GLU A 379 -14.33 -3.78 29.98
C GLU A 379 -14.80 -2.33 29.83
N ALA A 380 -14.31 -1.47 30.71
CA ALA A 380 -14.67 -0.06 30.70
C ALA A 380 -14.06 0.74 29.56
N LEU A 381 -12.81 0.42 29.22
CA LEU A 381 -12.13 1.17 28.18
C LEU A 381 -12.87 1.37 26.88
N PRO A 382 -13.26 0.29 26.20
CA PRO A 382 -13.97 0.45 24.93
C PRO A 382 -15.03 1.53 25.01
N GLY A 383 -15.86 1.46 26.04
CA GLY A 383 -16.91 2.46 26.20
C GLY A 383 -16.39 3.87 26.37
N LYS A 384 -15.28 4.01 27.10
CA LYS A 384 -14.68 5.31 27.33
C LYS A 384 -14.07 5.85 26.05
N LEU A 385 -13.48 4.95 25.26
CA LEU A 385 -12.91 5.36 23.99
C LEU A 385 -14.01 6.02 23.14
N ASP A 386 -15.24 5.53 23.28
CA ASP A 386 -16.36 6.09 22.53
C ASP A 386 -16.77 7.46 23.02
N ALA A 387 -16.93 7.61 24.33
CA ALA A 387 -17.31 8.89 24.91
C ALA A 387 -16.24 9.90 24.52
N PHE A 388 -15.00 9.42 24.44
CA PHE A 388 -13.86 10.25 24.06
C PHE A 388 -14.12 10.80 22.65
N HIS A 389 -14.39 9.91 21.71
CA HIS A 389 -14.67 10.28 20.33
C HIS A 389 -15.79 11.30 20.30
N GLU A 390 -16.89 10.98 20.96
CA GLU A 390 -18.02 11.89 21.00
C GLU A 390 -17.59 13.26 21.51
N GLU A 391 -16.74 13.29 22.53
CA GLU A 391 -16.29 14.57 23.09
C GLU A 391 -15.43 15.33 22.08
N LEU A 392 -14.43 14.67 21.52
CA LEU A 392 -13.57 15.28 20.52
C LEU A 392 -14.43 15.97 19.45
N TYR A 393 -15.34 15.20 18.86
CA TYR A 393 -16.22 15.71 17.83
C TYR A 393 -17.09 16.87 18.33
N ARG A 394 -17.60 16.75 19.55
CA ARG A 394 -18.43 17.80 20.13
C ARG A 394 -17.68 19.13 20.18
N ARG A 395 -16.41 19.08 20.55
CA ARG A 395 -15.60 20.28 20.65
C ARG A 395 -15.36 20.91 19.30
N ALA A 396 -15.03 20.07 18.32
CA ALA A 396 -14.77 20.57 16.97
C ALA A 396 -16.04 21.20 16.41
N LEU A 397 -17.18 20.69 16.82
CA LEU A 397 -18.46 21.24 16.36
C LEU A 397 -18.60 22.64 16.92
N ALA A 398 -18.44 22.74 18.23
CA ALA A 398 -18.55 24.00 18.92
C ALA A 398 -17.56 25.00 18.34
N PHE A 399 -16.35 24.54 18.07
CA PHE A 399 -15.38 25.45 17.51
C PHE A 399 -15.94 25.96 16.20
N ARG A 400 -16.36 25.05 15.34
CA ARG A 400 -16.87 25.42 14.04
C ARG A 400 -18.05 26.38 14.12
N GLU A 401 -19.05 26.02 14.92
CA GLU A 401 -20.24 26.84 15.08
C GLU A 401 -19.86 28.25 15.54
N ASP A 402 -18.80 28.32 16.32
CA ASP A 402 -18.31 29.58 16.86
C ASP A 402 -17.52 30.38 15.83
N HIS A 403 -17.08 29.74 14.76
CA HIS A 403 -16.31 30.45 13.76
C HIS A 403 -16.98 30.46 12.39
N THR A 404 -18.31 30.37 12.40
CA THR A 404 -19.09 30.41 11.17
C THR A 404 -19.98 31.62 11.32
N ARG A 405 -20.21 32.35 10.24
CA ARG A 405 -21.03 33.54 10.37
C ARG A 405 -21.76 33.92 9.10
N LYS A 406 -23.07 34.13 9.20
CA LYS A 406 -23.86 34.55 8.05
C LYS A 406 -23.55 36.03 7.90
N VAL A 407 -23.14 36.44 6.70
CA VAL A 407 -22.86 37.83 6.47
C VAL A 407 -23.77 38.32 5.38
N ASP A 408 -24.13 39.59 5.45
CA ASP A 408 -25.01 40.18 4.45
C ASP A 408 -24.37 41.38 3.80
N THR A 409 -23.36 41.93 4.47
CA THR A 409 -22.65 43.08 3.94
C THR A 409 -21.22 42.65 3.68
N TYR A 410 -20.57 43.27 2.72
CA TYR A 410 -19.21 42.92 2.40
C TYR A 410 -18.23 43.24 3.52
N GLU A 411 -18.58 44.21 4.35
CA GLU A 411 -17.70 44.57 5.46
C GLU A 411 -17.72 43.44 6.47
N ALA A 412 -18.92 42.99 6.82
CA ALA A 412 -19.09 41.90 7.77
C ALA A 412 -18.32 40.69 7.24
N PHE A 413 -18.36 40.51 5.93
CA PHE A 413 -17.70 39.41 5.26
C PHE A 413 -16.19 39.45 5.49
N LYS A 414 -15.58 40.62 5.34
CA LYS A 414 -14.15 40.75 5.54
C LYS A 414 -13.79 40.38 6.97
N GLU A 415 -14.72 40.62 7.89
CA GLU A 415 -14.52 40.32 9.29
C GLU A 415 -14.59 38.82 9.56
N ALA A 416 -15.67 38.22 9.06
CA ALA A 416 -15.93 36.80 9.23
C ALA A 416 -14.90 35.84 8.63
N VAL A 417 -14.24 36.24 7.55
CA VAL A 417 -13.24 35.37 6.93
C VAL A 417 -11.88 35.54 7.58
N GLN A 418 -11.88 36.10 8.79
CA GLN A 418 -10.65 36.30 9.54
C GLN A 418 -10.76 35.33 10.70
N GLU A 419 -12.00 35.00 11.04
CA GLU A 419 -12.30 34.10 12.14
C GLU A 419 -12.61 32.67 11.67
N GLY A 420 -13.17 32.55 10.47
CA GLY A 420 -13.50 31.23 9.97
C GLY A 420 -14.39 31.25 8.74
N PHE A 421 -15.53 30.58 8.84
CA PHE A 421 -16.48 30.50 7.75
C PHE A 421 -17.35 31.74 7.62
N ALA A 422 -17.64 32.10 6.38
CA ALA A 422 -18.49 33.24 6.08
C ALA A 422 -19.58 32.74 5.15
N LEU A 423 -20.81 32.70 5.62
CA LEU A 423 -21.93 32.25 4.80
C LEU A 423 -22.54 33.43 4.03
N ALA A 424 -22.07 33.63 2.81
CA ALA A 424 -22.53 34.73 1.99
C ALA A 424 -23.25 34.32 0.71
N PHE A 425 -23.91 35.28 0.10
CA PHE A 425 -24.61 35.06 -1.15
C PHE A 425 -23.62 35.42 -2.23
N HIS A 426 -23.73 34.77 -3.39
CA HIS A 426 -22.83 35.12 -4.46
C HIS A 426 -23.55 35.06 -5.79
N CYS A 427 -23.07 35.88 -6.72
CA CYS A 427 -23.66 35.98 -8.05
C CYS A 427 -23.40 34.74 -8.93
N GLY A 428 -22.39 33.95 -8.57
CA GLY A 428 -22.08 32.77 -9.33
C GLY A 428 -21.13 33.05 -10.48
N ASP A 429 -20.57 34.26 -10.52
CA ASP A 429 -19.67 34.67 -11.58
C ASP A 429 -18.21 34.50 -11.20
N LYS A 430 -17.45 33.79 -12.03
CA LYS A 430 -16.04 33.56 -11.76
C LYS A 430 -15.28 34.86 -11.57
N ALA A 431 -15.58 35.85 -12.40
CA ALA A 431 -14.91 37.13 -12.33
C ALA A 431 -15.05 37.77 -10.94
N CYS A 432 -16.26 37.71 -10.40
CA CYS A 432 -16.54 38.27 -9.08
C CYS A 432 -15.79 37.47 -8.02
N GLU A 433 -15.80 36.16 -8.18
CA GLU A 433 -15.13 35.25 -7.26
C GLU A 433 -13.64 35.59 -7.24
N ARG A 434 -13.05 35.77 -8.40
CA ARG A 434 -11.62 36.08 -8.46
C ARG A 434 -11.38 37.41 -7.73
N LEU A 435 -12.34 38.31 -7.86
CA LEU A 435 -12.22 39.61 -7.23
C LEU A 435 -12.17 39.47 -5.71
N ILE A 436 -13.18 38.80 -5.15
CA ILE A 436 -13.25 38.59 -3.72
C ILE A 436 -11.97 37.99 -3.20
N GLN A 437 -11.40 37.07 -3.96
CA GLN A 437 -10.17 36.44 -3.51
C GLN A 437 -8.99 37.40 -3.53
N GLU A 438 -8.93 38.28 -4.52
CA GLU A 438 -7.82 39.22 -4.60
C GLU A 438 -7.87 40.25 -3.49
N GLU A 439 -9.09 40.59 -3.08
CA GLU A 439 -9.32 41.58 -2.04
C GLU A 439 -9.22 41.02 -0.63
N THR A 440 -9.80 39.85 -0.38
CA THR A 440 -9.77 39.24 0.95
C THR A 440 -8.96 37.96 1.08
N THR A 441 -8.51 37.41 -0.05
CA THR A 441 -7.73 36.16 -0.11
C THR A 441 -8.60 34.94 0.19
N ALA A 442 -9.82 35.17 0.67
CA ALA A 442 -10.73 34.08 0.96
C ALA A 442 -11.28 33.56 -0.35
N THR A 443 -11.64 32.29 -0.37
CA THR A 443 -12.16 31.68 -1.57
C THR A 443 -13.45 30.97 -1.27
N THR A 444 -13.98 30.37 -2.31
CA THR A 444 -15.20 29.61 -2.21
C THR A 444 -14.83 28.23 -1.71
N ARG A 445 -15.52 27.78 -0.68
CA ARG A 445 -15.23 26.46 -0.14
C ARG A 445 -16.18 25.48 -0.79
N CYS A 446 -17.46 25.78 -0.72
CA CYS A 446 -18.45 24.91 -1.34
C CYS A 446 -19.86 25.45 -1.22
N VAL A 447 -20.75 24.93 -2.05
CA VAL A 447 -22.14 25.29 -2.02
C VAL A 447 -22.72 24.09 -1.30
N PRO A 448 -22.84 24.18 0.02
CA PRO A 448 -23.37 23.09 0.85
C PRO A 448 -24.66 22.45 0.36
N PHE A 449 -24.72 21.13 0.50
CA PHE A 449 -25.88 20.35 0.08
C PHE A 449 -27.08 20.57 1.00
N GLU A 450 -26.83 20.63 2.30
CA GLU A 450 -27.88 20.81 3.30
C GLU A 450 -28.27 22.25 3.62
N ALA A 451 -27.51 23.22 3.11
CA ALA A 451 -27.82 24.61 3.39
C ALA A 451 -29.31 24.95 3.23
N GLU A 452 -29.78 25.93 3.98
CA GLU A 452 -31.18 26.36 3.91
C GLU A 452 -31.35 27.18 2.64
N PRO A 453 -32.46 26.96 1.92
CA PRO A 453 -32.77 27.68 0.68
C PRO A 453 -32.92 29.17 0.94
N GLU A 454 -32.08 29.97 0.28
CA GLU A 454 -32.11 31.42 0.48
C GLU A 454 -31.81 32.18 -0.80
N GLU A 455 -32.50 33.31 -0.96
CA GLU A 455 -32.31 34.15 -2.12
C GLU A 455 -31.88 35.51 -1.61
N GLY A 456 -30.89 36.10 -2.26
CA GLY A 456 -30.41 37.40 -1.84
C GLY A 456 -29.60 38.04 -2.93
N PHE A 457 -28.64 38.87 -2.55
CA PHE A 457 -27.81 39.55 -3.52
C PHE A 457 -26.35 39.34 -3.18
N CYS A 458 -25.52 39.17 -4.21
CA CYS A 458 -24.10 38.93 -4.01
C CYS A 458 -23.52 39.84 -2.95
N VAL A 459 -22.80 39.24 -2.02
CA VAL A 459 -22.18 39.98 -0.94
C VAL A 459 -21.20 41.01 -1.48
N ARG A 460 -20.73 40.84 -2.70
CA ARG A 460 -19.77 41.81 -3.21
C ARG A 460 -20.23 42.73 -4.33
N CYS A 461 -20.90 42.18 -5.34
CA CYS A 461 -21.33 43.00 -6.46
C CYS A 461 -22.83 43.36 -6.44
N GLY A 462 -23.56 42.82 -5.48
CA GLY A 462 -24.97 43.14 -5.39
C GLY A 462 -25.95 42.44 -6.30
N ARG A 463 -25.48 41.92 -7.43
CA ARG A 463 -26.35 41.22 -8.39
C ARG A 463 -27.06 40.03 -7.72
N PRO A 464 -28.22 39.64 -8.26
CA PRO A 464 -28.99 38.52 -7.70
C PRO A 464 -28.14 37.29 -7.38
N SER A 465 -28.44 36.67 -6.24
CA SER A 465 -27.72 35.50 -5.77
C SER A 465 -27.94 34.26 -6.63
N ALA A 466 -26.91 33.44 -6.70
CA ALA A 466 -26.95 32.20 -7.45
C ALA A 466 -27.02 31.04 -6.46
N TYR A 467 -27.07 29.82 -6.98
CA TYR A 467 -27.09 28.63 -6.14
C TYR A 467 -28.34 28.43 -5.30
N GLY A 468 -29.10 29.49 -5.07
CA GLY A 468 -30.31 29.33 -4.29
C GLY A 468 -30.07 29.09 -2.82
N LYS A 469 -28.87 29.45 -2.37
CA LYS A 469 -28.49 29.28 -0.97
C LYS A 469 -27.20 30.05 -0.79
N ARG A 470 -26.80 30.24 0.46
CA ARG A 470 -25.57 30.96 0.75
C ARG A 470 -24.38 30.05 0.48
N VAL A 471 -23.31 30.62 -0.05
CA VAL A 471 -22.10 29.88 -0.34
C VAL A 471 -21.19 29.96 0.89
N VAL A 472 -20.30 29.00 1.04
CA VAL A 472 -19.39 28.99 2.16
C VAL A 472 -18.04 29.53 1.70
N PHE A 473 -17.61 30.62 2.34
CA PHE A 473 -16.32 31.24 2.03
C PHE A 473 -15.42 31.10 3.25
N ALA A 474 -14.12 31.23 3.03
CA ALA A 474 -13.15 31.12 4.11
C ALA A 474 -11.75 31.17 3.56
N LYS A 475 -10.79 31.51 4.41
CA LYS A 475 -9.40 31.51 3.99
C LYS A 475 -9.05 30.05 4.13
N ALA A 476 -8.56 29.44 3.06
CA ALA A 476 -8.25 28.03 3.12
C ALA A 476 -6.78 27.71 2.94
N TYR A 477 -6.45 26.46 3.26
CA TYR A 477 -5.10 25.95 3.15
C TYR A 477 -4.81 25.50 1.72
N LYS B 5 -10.69 -22.31 -29.28
CA LYS B 5 -9.58 -21.57 -28.59
C LYS B 5 -8.74 -22.52 -27.73
N GLY B 6 -7.98 -21.94 -26.79
CA GLY B 6 -7.16 -22.76 -25.91
C GLY B 6 -6.17 -21.99 -25.06
N LEU B 7 -4.92 -22.43 -25.09
CA LEU B 7 -3.86 -21.82 -24.31
C LEU B 7 -2.62 -22.60 -24.73
N THR B 8 -1.61 -21.93 -25.26
CA THR B 8 -0.41 -22.62 -25.70
C THR B 8 0.12 -23.53 -24.60
N PRO B 9 0.22 -24.83 -24.88
CA PRO B 9 0.73 -25.75 -23.85
C PRO B 9 2.17 -25.39 -23.46
N GLN B 10 2.48 -25.60 -22.17
CA GLN B 10 3.81 -25.28 -21.64
C GLN B 10 4.94 -26.00 -22.35
N SER B 11 4.68 -27.23 -22.80
CA SER B 11 5.69 -28.01 -23.50
C SER B 11 6.00 -27.44 -24.88
N GLN B 12 5.04 -26.73 -25.46
CA GLN B 12 5.24 -26.15 -26.78
C GLN B 12 6.04 -24.85 -26.70
N ASP B 13 5.62 -23.95 -25.81
CA ASP B 13 6.30 -22.67 -25.64
C ASP B 13 5.94 -22.05 -24.28
N PHE B 14 6.73 -22.37 -23.27
CA PHE B 14 6.49 -21.87 -21.92
C PHE B 14 6.25 -20.36 -21.87
N SER B 15 7.15 -19.59 -22.46
CA SER B 15 7.03 -18.14 -22.45
C SER B 15 5.66 -17.70 -22.92
N GLU B 16 5.17 -18.30 -24.00
CA GLU B 16 3.86 -17.94 -24.51
C GLU B 16 2.78 -18.37 -23.53
N TRP B 17 2.92 -19.57 -23.00
CA TRP B 17 1.95 -20.07 -22.05
C TRP B 17 1.83 -19.01 -20.94
N TYR B 18 2.98 -18.59 -20.44
CA TYR B 18 3.06 -17.60 -19.37
C TYR B 18 2.31 -16.31 -19.73
N LEU B 19 2.76 -15.64 -20.78
CA LEU B 19 2.11 -14.41 -21.22
C LEU B 19 0.60 -14.57 -21.42
N GLU B 20 0.19 -15.65 -22.05
CA GLU B 20 -1.23 -15.89 -22.29
C GLU B 20 -2.05 -16.10 -21.03
N VAL B 21 -1.57 -16.98 -20.15
CA VAL B 21 -2.33 -17.25 -18.93
C VAL B 21 -2.49 -15.97 -18.11
N ILE B 22 -1.44 -15.15 -18.07
CA ILE B 22 -1.51 -13.90 -17.33
C ILE B 22 -2.61 -13.03 -17.91
N GLN B 23 -2.68 -13.00 -19.23
CA GLN B 23 -3.68 -12.22 -19.95
C GLN B 23 -5.09 -12.80 -19.81
N LYS B 24 -5.24 -14.09 -20.12
CA LYS B 24 -6.57 -14.71 -20.06
C LYS B 24 -7.16 -14.80 -18.68
N ALA B 25 -6.32 -15.01 -17.66
CA ALA B 25 -6.82 -15.09 -16.29
C ALA B 25 -7.09 -13.68 -15.74
N GLU B 26 -6.73 -12.67 -16.53
CA GLU B 26 -6.91 -11.27 -16.17
C GLU B 26 -6.11 -10.87 -14.92
N LEU B 27 -4.88 -11.36 -14.84
CA LEU B 27 -3.99 -11.05 -13.74
C LEU B 27 -3.42 -9.67 -14.01
N ALA B 28 -3.07 -9.44 -15.27
CA ALA B 28 -2.51 -8.16 -15.66
C ALA B 28 -2.68 -7.97 -17.14
N ASP B 29 -2.26 -6.80 -17.60
CA ASP B 29 -2.34 -6.43 -19.01
C ASP B 29 -1.15 -5.52 -19.23
N TYR B 30 -0.71 -5.35 -20.48
CA TYR B 30 0.44 -4.49 -20.74
C TYR B 30 0.05 -3.03 -20.62
N GLY B 31 0.93 -2.23 -20.03
CA GLY B 31 0.64 -0.83 -19.89
C GLY B 31 1.18 -0.09 -21.10
N PRO B 32 0.74 1.15 -21.33
CA PRO B 32 1.21 1.92 -22.48
C PRO B 32 2.73 2.12 -22.53
N VAL B 33 3.35 2.44 -21.40
CA VAL B 33 4.79 2.65 -21.38
C VAL B 33 5.58 1.35 -21.41
N ARG B 34 6.71 1.40 -22.10
CA ARG B 34 7.62 0.26 -22.26
C ARG B 34 7.97 -0.49 -20.97
N GLY B 35 7.84 -1.81 -21.01
CA GLY B 35 8.17 -2.65 -19.89
C GLY B 35 7.30 -2.59 -18.66
N THR B 36 6.12 -1.97 -18.76
CA THR B 36 5.25 -1.88 -17.59
C THR B 36 4.02 -2.75 -17.75
N ILE B 37 3.32 -2.98 -16.65
CA ILE B 37 2.10 -3.78 -16.71
C ILE B 37 1.03 -3.12 -15.87
N VAL B 38 -0.21 -3.52 -16.07
CA VAL B 38 -1.30 -2.97 -15.31
C VAL B 38 -1.87 -4.14 -14.53
N VAL B 39 -1.80 -4.09 -13.21
CA VAL B 39 -2.31 -5.19 -12.43
C VAL B 39 -3.79 -5.05 -12.22
N ARG B 40 -4.54 -5.94 -12.85
CA ARG B 40 -5.99 -5.97 -12.77
C ARG B 40 -6.36 -6.56 -11.42
N PRO B 41 -7.60 -6.32 -10.96
CA PRO B 41 -8.11 -6.81 -9.69
C PRO B 41 -7.70 -8.20 -9.22
N TYR B 42 -7.94 -9.22 -10.03
CA TYR B 42 -7.60 -10.59 -9.62
C TYR B 42 -6.11 -10.74 -9.30
N GLY B 43 -5.25 -10.15 -10.12
CA GLY B 43 -3.83 -10.24 -9.89
C GLY B 43 -3.41 -9.49 -8.64
N TYR B 44 -3.95 -8.28 -8.50
CA TYR B 44 -3.64 -7.44 -7.37
C TYR B 44 -4.17 -8.06 -6.08
N ALA B 45 -5.23 -8.86 -6.18
CA ALA B 45 -5.79 -9.50 -5.00
C ALA B 45 -4.71 -10.43 -4.45
N ILE B 46 -4.00 -11.09 -5.36
CA ILE B 46 -2.94 -11.98 -4.95
C ILE B 46 -1.89 -11.16 -4.20
N TRP B 47 -1.50 -10.03 -4.77
CA TRP B 47 -0.48 -9.21 -4.16
C TRP B 47 -0.88 -8.77 -2.77
N GLU B 48 -2.15 -8.44 -2.57
CA GLU B 48 -2.61 -8.02 -1.26
C GLU B 48 -2.46 -9.14 -0.24
N ASN B 49 -2.75 -10.37 -0.66
CA ASN B 49 -2.61 -11.46 0.28
C ASN B 49 -1.15 -11.66 0.67
N ILE B 50 -0.25 -11.44 -0.28
CA ILE B 50 1.17 -11.56 0.01
C ILE B 50 1.55 -10.45 0.98
N GLN B 51 0.98 -9.26 0.79
CA GLN B 51 1.28 -8.15 1.68
C GLN B 51 0.84 -8.49 3.09
N GLN B 52 -0.39 -8.99 3.23
CA GLN B 52 -0.91 -9.30 4.54
C GLN B 52 -0.08 -10.30 5.31
N VAL B 53 0.34 -11.36 4.63
CA VAL B 53 1.13 -12.40 5.29
C VAL B 53 2.47 -11.80 5.71
N LEU B 54 3.19 -11.24 4.76
CA LEU B 54 4.49 -10.63 5.08
C LEU B 54 4.38 -9.56 6.13
N ASP B 55 3.43 -8.66 5.96
CA ASP B 55 3.29 -7.57 6.92
C ASP B 55 3.15 -8.09 8.33
N ARG B 56 2.34 -9.14 8.49
CA ARG B 56 2.14 -9.75 9.80
C ARG B 56 3.47 -10.30 10.31
N MET B 57 4.15 -11.08 9.48
CA MET B 57 5.42 -11.64 9.87
C MET B 57 6.39 -10.53 10.28
N PHE B 58 6.50 -9.50 9.43
CA PHE B 58 7.38 -8.36 9.70
C PHE B 58 7.04 -7.65 11.02
N LYS B 59 5.75 -7.56 11.31
CA LYS B 59 5.31 -6.90 12.54
C LYS B 59 5.59 -7.76 13.77
N GLU B 60 5.48 -9.08 13.64
CA GLU B 60 5.74 -9.98 14.77
C GLU B 60 7.23 -10.00 15.09
N THR B 61 8.06 -9.56 14.16
CA THR B 61 9.49 -9.50 14.41
C THR B 61 9.94 -8.05 14.65
N GLY B 62 9.01 -7.26 15.17
CA GLY B 62 9.29 -5.87 15.52
C GLY B 62 9.62 -4.83 14.47
N HIS B 63 9.27 -5.05 13.21
CA HIS B 63 9.54 -4.03 12.22
C HIS B 63 8.36 -3.07 12.16
N GLN B 64 8.61 -1.88 11.65
CA GLN B 64 7.54 -0.89 11.53
C GLN B 64 7.57 -0.32 10.13
N ASN B 65 6.40 -0.05 9.57
CA ASN B 65 6.36 0.52 8.25
C ASN B 65 6.58 2.01 8.31
N ALA B 66 7.10 2.55 7.22
CA ALA B 66 7.31 3.99 7.11
C ALA B 66 7.29 4.28 5.62
N TYR B 67 7.46 5.52 5.24
CA TYR B 67 7.45 5.82 3.82
C TYR B 67 8.46 6.90 3.48
N PHE B 68 9.44 6.53 2.67
CA PHE B 68 10.48 7.46 2.25
C PHE B 68 10.18 7.91 0.82
N PRO B 69 10.75 9.04 0.40
CA PRO B 69 10.59 9.66 -0.91
C PRO B 69 10.82 8.79 -2.14
N LEU B 70 10.10 9.14 -3.21
CA LEU B 70 10.17 8.48 -4.50
C LEU B 70 11.40 8.98 -5.24
N PHE B 71 11.63 10.29 -5.18
CA PHE B 71 12.76 10.93 -5.84
C PHE B 71 13.99 10.97 -4.96
N ILE B 72 15.12 10.59 -5.55
CA ILE B 72 16.40 10.56 -4.85
C ILE B 72 17.41 11.45 -5.58
N PRO B 73 18.04 12.37 -4.84
CA PRO B 73 19.02 13.28 -5.46
C PRO B 73 20.14 12.45 -6.08
N MET B 74 20.43 12.72 -7.35
CA MET B 74 21.46 12.02 -8.09
C MET B 74 22.77 11.88 -7.29
N SER B 75 23.14 12.92 -6.55
CA SER B 75 24.35 12.90 -5.75
C SER B 75 24.37 11.76 -4.72
N PHE B 76 23.22 11.49 -4.12
CA PHE B 76 23.10 10.42 -3.13
C PHE B 76 23.52 9.07 -3.70
N LEU B 77 23.02 8.76 -4.89
CA LEU B 77 23.35 7.49 -5.51
C LEU B 77 24.85 7.33 -5.69
N ARG B 78 25.55 8.46 -5.72
CA ARG B 78 27.00 8.45 -5.91
C ARG B 78 27.81 8.24 -4.63
N LYS B 79 27.26 8.59 -3.47
CA LYS B 79 27.98 8.42 -2.21
C LYS B 79 28.44 6.99 -1.91
N GLU B 80 27.94 6.03 -2.67
CA GLU B 80 28.32 4.63 -2.51
C GLU B 80 28.74 4.10 -3.88
N ALA B 81 30.04 3.89 -4.05
CA ALA B 81 30.63 3.43 -5.31
C ALA B 81 29.92 2.25 -5.98
N GLU B 82 30.09 1.05 -5.43
CA GLU B 82 29.47 -0.14 -5.97
C GLU B 82 27.98 0.04 -6.29
N HIS B 83 27.25 0.65 -5.36
CA HIS B 83 25.82 0.89 -5.51
C HIS B 83 25.46 1.65 -6.78
N VAL B 84 26.06 2.82 -6.98
CA VAL B 84 25.76 3.63 -8.16
C VAL B 84 26.24 2.97 -9.45
N GLU B 85 27.26 2.13 -9.36
CA GLU B 85 27.80 1.46 -10.54
C GLU B 85 26.84 0.39 -11.05
N GLY B 86 26.15 -0.27 -10.12
CA GLY B 86 25.20 -1.31 -10.48
C GLY B 86 23.81 -0.84 -10.86
N PHE B 87 23.44 0.38 -10.45
CA PHE B 87 22.11 0.91 -10.76
C PHE B 87 22.13 2.02 -11.79
N SER B 88 23.22 2.77 -11.83
CA SER B 88 23.37 3.89 -12.76
C SER B 88 22.77 3.65 -14.15
N PRO B 89 23.02 2.45 -14.73
CA PRO B 89 22.49 2.12 -16.06
C PRO B 89 20.96 2.10 -16.18
N GLU B 90 20.30 1.51 -15.19
CA GLU B 90 18.85 1.39 -15.22
C GLU B 90 18.01 2.45 -14.50
N LEU B 91 18.52 3.67 -14.40
CA LEU B 91 17.77 4.74 -13.73
C LEU B 91 16.88 5.56 -14.64
N ALA B 92 15.77 6.03 -14.10
CA ALA B 92 14.86 6.91 -14.85
C ALA B 92 15.16 8.23 -14.17
N VAL B 93 15.33 9.29 -14.94
CA VAL B 93 15.67 10.58 -14.33
C VAL B 93 14.75 11.75 -14.61
N VAL B 94 14.38 12.44 -13.55
CA VAL B 94 13.53 13.62 -13.66
C VAL B 94 14.50 14.79 -13.78
N THR B 95 14.36 15.57 -14.85
CA THR B 95 15.24 16.71 -15.08
C THR B 95 14.41 17.98 -15.12
N HIS B 96 13.23 17.85 -15.70
CA HIS B 96 12.29 18.94 -15.83
C HIS B 96 11.22 18.73 -14.76
N ALA B 97 10.81 19.80 -14.10
CA ALA B 97 9.77 19.70 -13.08
C ALA B 97 9.19 21.06 -12.77
N GLY B 98 7.87 21.15 -12.80
CA GLY B 98 7.21 22.41 -12.50
C GLY B 98 7.41 23.49 -13.54
N GLY B 99 7.91 23.11 -14.71
CA GLY B 99 8.12 24.08 -15.76
C GLY B 99 9.59 24.45 -15.99
N GLU B 100 10.37 24.47 -14.92
CA GLU B 100 11.78 24.81 -15.04
C GLU B 100 12.64 23.55 -15.02
N GLU B 101 13.92 23.71 -15.30
CA GLU B 101 14.86 22.60 -15.29
C GLU B 101 15.43 22.55 -13.88
N LEU B 102 15.55 21.34 -13.33
CA LEU B 102 16.05 21.18 -11.97
C LEU B 102 17.52 21.52 -11.78
N GLU B 103 17.84 22.00 -10.58
CA GLU B 103 19.23 22.33 -10.25
C GLU B 103 20.01 21.03 -10.36
N GLU B 104 19.58 20.04 -9.59
CA GLU B 104 20.21 18.73 -9.61
C GLU B 104 19.16 17.74 -10.12
N PRO B 105 19.50 16.93 -11.12
CA PRO B 105 18.52 15.96 -11.62
C PRO B 105 18.14 14.94 -10.55
N LEU B 106 16.85 14.59 -10.51
CA LEU B 106 16.34 13.63 -9.54
C LEU B 106 16.18 12.25 -10.14
N ALA B 107 16.58 11.23 -9.38
CA ALA B 107 16.46 9.86 -9.86
C ALA B 107 15.22 9.21 -9.24
N VAL B 108 14.47 8.47 -10.05
CA VAL B 108 13.32 7.77 -9.52
C VAL B 108 13.92 6.54 -8.83
N ARG B 109 13.66 6.43 -7.54
CA ARG B 109 14.22 5.36 -6.76
C ARG B 109 14.17 3.97 -7.37
N PRO B 110 15.34 3.30 -7.44
CA PRO B 110 15.48 1.94 -7.98
C PRO B 110 15.53 1.05 -6.73
N THR B 111 15.89 1.69 -5.63
CA THR B 111 15.99 1.06 -4.31
C THR B 111 16.23 2.22 -3.35
N SER B 112 15.89 2.05 -2.07
CA SER B 112 15.99 3.15 -1.12
C SER B 112 17.12 3.24 -0.06
N GLU B 113 18.14 2.39 -0.16
CA GLU B 113 19.20 2.45 0.85
C GLU B 113 19.75 3.83 1.09
N THR B 114 20.09 4.54 0.01
CA THR B 114 20.65 5.88 0.13
C THR B 114 19.78 6.89 0.87
N VAL B 115 18.57 7.12 0.40
CA VAL B 115 17.70 8.09 1.08
C VAL B 115 17.49 7.76 2.54
N ILE B 116 17.35 6.47 2.85
CA ILE B 116 17.16 6.06 4.23
C ILE B 116 18.43 6.30 5.00
N GLY B 117 19.57 6.10 4.33
CA GLY B 117 20.86 6.33 4.96
C GLY B 117 20.92 7.77 5.40
N TYR B 118 20.63 8.66 4.46
CA TYR B 118 20.63 10.09 4.75
C TYR B 118 19.81 10.38 6.00
N MET B 119 18.56 9.91 6.03
CA MET B 119 17.71 10.15 7.19
C MET B 119 18.26 9.50 8.45
N TRP B 120 18.77 8.27 8.34
CA TRP B 120 19.32 7.61 9.51
C TRP B 120 20.44 8.44 10.08
N SER B 121 21.23 9.02 9.19
CA SER B 121 22.34 9.87 9.57
C SER B 121 21.89 10.88 10.61
N LYS B 122 20.72 11.48 10.40
CA LYS B 122 20.23 12.47 11.34
C LYS B 122 19.37 11.94 12.48
N TRP B 123 18.88 10.71 12.37
CA TRP B 123 18.06 10.18 13.45
C TRP B 123 18.84 9.42 14.50
N ILE B 124 19.77 8.57 14.06
CA ILE B 124 20.56 7.80 14.99
C ILE B 124 21.63 8.67 15.65
N ARG B 125 21.65 8.67 16.98
CA ARG B 125 22.61 9.45 17.75
C ARG B 125 23.28 8.62 18.85
N SER B 126 22.47 7.92 19.64
CA SER B 126 23.00 7.09 20.71
C SER B 126 22.61 5.66 20.39
N TRP B 127 22.82 4.75 21.33
CA TRP B 127 22.50 3.36 21.12
C TRP B 127 21.03 3.12 21.45
N ARG B 128 20.36 4.16 21.93
CA ARG B 128 18.94 4.08 22.27
C ARG B 128 18.13 4.13 20.98
N ASP B 129 18.74 4.66 19.94
CA ASP B 129 18.08 4.78 18.65
C ASP B 129 18.23 3.52 17.82
N LEU B 130 18.63 2.42 18.46
CA LEU B 130 18.83 1.17 17.74
C LEU B 130 18.29 0.00 18.52
N PRO B 131 17.93 -1.09 17.82
CA PRO B 131 18.05 -1.18 16.36
C PRO B 131 16.96 -0.38 15.66
N GLN B 132 17.16 -0.15 14.38
CA GLN B 132 16.22 0.60 13.55
C GLN B 132 15.60 -0.48 12.64
N LEU B 133 14.33 -0.83 12.87
CA LEU B 133 13.65 -1.88 12.09
C LEU B 133 12.56 -1.32 11.18
N LEU B 134 12.94 -0.97 9.94
CA LEU B 134 11.99 -0.37 9.03
C LEU B 134 11.61 -1.14 7.79
N ASN B 135 10.36 -0.96 7.37
CA ASN B 135 9.86 -1.60 6.17
C ASN B 135 9.04 -0.60 5.40
N GLN B 136 9.05 -0.73 4.08
CA GLN B 136 8.28 0.18 3.24
C GLN B 136 7.64 -0.54 2.09
N TRP B 137 6.32 -0.38 1.97
CA TRP B 137 5.58 -0.98 0.87
C TRP B 137 5.47 0.08 -0.18
N GLY B 138 5.99 -0.18 -1.38
CA GLY B 138 5.88 0.82 -2.41
C GLY B 138 6.32 0.34 -3.78
N ASN B 139 6.52 1.31 -4.66
CA ASN B 139 6.94 1.04 -6.02
C ASN B 139 8.36 1.54 -6.26
N VAL B 140 9.01 0.97 -7.26
CA VAL B 140 10.37 1.36 -7.62
C VAL B 140 10.51 1.18 -9.11
N VAL B 141 11.36 2.02 -9.72
CA VAL B 141 11.59 1.94 -11.15
C VAL B 141 13.01 1.50 -11.46
N ARG B 142 13.14 0.66 -12.48
CA ARG B 142 14.43 0.16 -12.95
C ARG B 142 14.29 -0.10 -14.44
N TRP B 143 14.84 0.83 -15.23
CA TRP B 143 14.77 0.71 -16.67
C TRP B 143 15.65 -0.44 -17.12
N GLU B 144 15.09 -1.62 -17.17
CA GLU B 144 15.86 -2.79 -17.56
C GLU B 144 15.48 -3.23 -18.97
N MET B 145 16.45 -3.75 -19.70
CA MET B 145 16.23 -4.25 -21.04
C MET B 145 15.68 -5.66 -20.87
N ARG B 146 14.87 -6.11 -21.82
CA ARG B 146 14.27 -7.45 -21.72
C ARG B 146 13.43 -7.55 -20.45
N THR B 147 12.11 -7.45 -20.62
CA THR B 147 11.19 -7.50 -19.51
C THR B 147 10.14 -8.61 -19.69
N ARG B 148 9.57 -9.05 -18.57
CA ARG B 148 8.54 -10.08 -18.55
C ARG B 148 7.56 -9.70 -17.44
N PRO B 149 6.25 -9.86 -17.69
CA PRO B 149 5.27 -9.51 -16.67
C PRO B 149 5.60 -10.13 -15.31
N PHE B 150 5.58 -9.29 -14.28
CA PHE B 150 5.88 -9.68 -12.91
C PHE B 150 7.35 -9.99 -12.60
N LEU B 151 7.97 -10.88 -13.37
CA LEU B 151 9.37 -11.23 -13.14
C LEU B 151 10.34 -10.07 -13.30
N ARG B 152 10.09 -9.22 -14.29
CA ARG B 152 10.99 -8.10 -14.55
C ARG B 152 10.27 -6.96 -15.27
N THR B 153 9.76 -6.00 -14.51
CA THR B 153 9.05 -4.87 -15.09
C THR B 153 9.71 -3.53 -14.77
N SER B 154 9.59 -2.57 -15.69
CA SER B 154 10.17 -1.22 -15.54
C SER B 154 9.86 -0.63 -14.19
N GLU B 155 8.60 -0.73 -13.80
CA GLU B 155 8.16 -0.28 -12.50
C GLU B 155 7.60 -1.53 -11.85
N PHE B 156 7.74 -1.66 -10.54
CA PHE B 156 7.19 -2.83 -9.87
C PHE B 156 6.95 -2.58 -8.41
N LEU B 157 5.96 -3.25 -7.86
CA LEU B 157 5.63 -3.11 -6.46
C LEU B 157 6.42 -4.12 -5.68
N TRP B 158 6.80 -3.75 -4.47
CA TRP B 158 7.54 -4.65 -3.64
C TRP B 158 7.49 -4.14 -2.22
N GLN B 159 8.26 -4.78 -1.38
CA GLN B 159 8.38 -4.39 0.00
C GLN B 159 9.90 -4.32 0.17
N GLU B 160 10.41 -3.22 0.72
CA GLU B 160 11.86 -3.14 0.93
C GLU B 160 12.14 -2.84 2.40
N GLY B 161 12.80 -3.78 3.06
CA GLY B 161 13.13 -3.65 4.47
C GLY B 161 14.51 -3.09 4.66
N HIS B 162 14.65 -2.22 5.65
CA HIS B 162 15.92 -1.59 5.97
C HIS B 162 16.11 -1.56 7.47
N THR B 163 17.22 -2.11 7.94
CA THR B 163 17.49 -2.10 9.36
C THR B 163 18.89 -1.60 9.64
N ALA B 164 19.07 -1.05 10.83
CA ALA B 164 20.36 -0.54 11.26
C ALA B 164 20.62 -1.15 12.63
N HIS B 165 21.82 -1.68 12.82
CA HIS B 165 22.16 -2.30 14.09
C HIS B 165 23.47 -1.79 14.67
N ALA B 166 23.62 -1.99 15.98
CA ALA B 166 24.82 -1.58 16.69
C ALA B 166 25.96 -2.57 16.45
N THR B 167 25.62 -3.85 16.32
CA THR B 167 26.64 -4.87 16.10
C THR B 167 26.50 -5.66 14.80
N ARG B 168 27.63 -6.13 14.28
CA ARG B 168 27.68 -6.92 13.06
C ARG B 168 26.90 -8.22 13.28
N GLU B 169 26.92 -8.73 14.50
CA GLU B 169 26.22 -9.96 14.81
C GLU B 169 24.69 -9.80 14.70
N GLU B 170 24.15 -8.77 15.34
CA GLU B 170 22.73 -8.52 15.30
C GLU B 170 22.24 -8.31 13.86
N ALA B 171 23.05 -7.62 13.06
CA ALA B 171 22.71 -7.35 11.67
C ALA B 171 22.65 -8.63 10.85
N GLU B 172 23.59 -9.53 11.11
CA GLU B 172 23.61 -10.78 10.35
C GLU B 172 22.47 -11.70 10.76
N GLU B 173 22.05 -11.61 12.01
CA GLU B 173 20.94 -12.45 12.45
C GLU B 173 19.68 -11.92 11.76
N GLU B 174 19.61 -10.59 11.63
CA GLU B 174 18.47 -9.97 10.97
C GLU B 174 18.41 -10.45 9.52
N VAL B 175 19.55 -10.41 8.83
CA VAL B 175 19.64 -10.83 7.44
C VAL B 175 19.04 -12.24 7.27
N ARG B 176 19.30 -13.11 8.23
CA ARG B 176 18.78 -14.46 8.14
C ARG B 176 17.33 -14.54 8.53
N ARG B 177 16.98 -13.85 9.61
CA ARG B 177 15.62 -13.85 10.09
C ARG B 177 14.65 -13.51 8.97
N MET B 178 15.02 -12.54 8.12
CA MET B 178 14.15 -12.13 7.04
C MET B 178 14.12 -13.15 5.89
N LEU B 179 15.27 -13.68 5.50
CA LEU B 179 15.30 -14.65 4.42
C LEU B 179 14.45 -15.84 4.83
N SER B 180 14.36 -16.08 6.13
CA SER B 180 13.58 -17.20 6.62
C SER B 180 12.10 -16.88 6.49
N ILE B 181 11.77 -15.60 6.65
CA ILE B 181 10.38 -15.17 6.53
C ILE B 181 9.97 -15.37 5.07
N TYR B 182 10.83 -14.92 4.17
CA TYR B 182 10.55 -15.07 2.75
C TYR B 182 10.35 -16.55 2.42
N ALA B 183 11.23 -17.40 2.96
CA ALA B 183 11.12 -18.84 2.71
C ALA B 183 9.85 -19.41 3.34
N ARG B 184 9.45 -18.85 4.48
CA ARG B 184 8.24 -19.36 5.11
C ARG B 184 7.07 -19.01 4.21
N LEU B 185 7.10 -17.80 3.63
CA LEU B 185 6.05 -17.37 2.74
C LEU B 185 5.98 -18.30 1.53
N ALA B 186 7.13 -18.59 0.93
CA ALA B 186 7.17 -19.46 -0.23
C ALA B 186 6.69 -20.89 0.06
N ARG B 187 7.10 -21.44 1.18
CA ARG B 187 6.71 -22.80 1.51
C ARG B 187 5.34 -22.95 2.15
N GLU B 188 5.11 -22.27 3.26
CA GLU B 188 3.84 -22.40 3.95
C GLU B 188 2.67 -21.71 3.28
N TYR B 189 2.94 -20.75 2.40
CA TYR B 189 1.86 -20.02 1.75
C TYR B 189 1.71 -20.14 0.25
N ALA B 190 2.83 -20.25 -0.46
CA ALA B 190 2.78 -20.36 -1.92
C ALA B 190 3.02 -21.78 -2.36
N ALA B 191 3.38 -22.64 -1.42
CA ALA B 191 3.66 -24.04 -1.73
C ALA B 191 4.80 -24.16 -2.74
N ILE B 192 5.67 -23.15 -2.77
CA ILE B 192 6.81 -23.15 -3.67
C ILE B 192 8.08 -23.59 -2.94
N PRO B 193 8.68 -24.71 -3.35
CA PRO B 193 9.90 -25.09 -2.62
C PRO B 193 11.03 -24.16 -3.06
N VAL B 194 11.91 -23.83 -2.12
CA VAL B 194 13.03 -22.94 -2.42
C VAL B 194 14.31 -23.41 -1.77
N ILE B 195 15.43 -22.86 -2.23
CA ILE B 195 16.72 -23.19 -1.67
C ILE B 195 17.27 -21.92 -1.02
N GLU B 196 17.46 -21.97 0.30
CA GLU B 196 18.03 -20.84 1.03
C GLU B 196 19.55 -20.91 0.86
N GLY B 197 20.14 -19.88 0.26
CA GLY B 197 21.56 -19.90 0.06
C GLY B 197 22.22 -18.54 -0.02
N LEU B 198 23.50 -18.55 -0.39
CA LEU B 198 24.29 -17.34 -0.48
C LEU B 198 24.75 -17.10 -1.90
N LYS B 199 24.58 -15.87 -2.37
CA LYS B 199 24.99 -15.51 -3.72
C LYS B 199 26.51 -15.43 -3.72
N THR B 200 27.13 -15.68 -4.88
CA THR B 200 28.58 -15.58 -4.98
C THR B 200 28.87 -14.11 -5.26
N GLU B 201 30.08 -13.66 -4.92
CA GLU B 201 30.46 -12.26 -5.14
C GLU B 201 29.91 -11.68 -6.44
N LYS B 202 30.14 -12.37 -7.55
CA LYS B 202 29.68 -11.91 -8.83
C LYS B 202 28.19 -11.55 -8.87
N GLU B 203 27.37 -12.36 -8.20
CA GLU B 203 25.92 -12.14 -8.22
C GLU B 203 25.29 -11.35 -7.07
N LYS B 204 26.08 -10.87 -6.11
CA LYS B 204 25.49 -10.15 -4.99
C LYS B 204 24.92 -8.77 -5.33
N PHE B 205 24.18 -8.21 -4.39
CA PHE B 205 23.55 -6.90 -4.53
C PHE B 205 24.60 -5.79 -4.53
N ALA B 206 24.48 -4.86 -5.48
CA ALA B 206 25.41 -3.75 -5.60
C ALA B 206 25.40 -2.90 -4.34
N GLY B 207 26.50 -2.96 -3.59
CA GLY B 207 26.62 -2.19 -2.37
C GLY B 207 26.54 -3.06 -1.12
N ALA B 208 26.33 -4.35 -1.31
CA ALA B 208 26.22 -5.26 -0.17
C ALA B 208 27.51 -6.01 0.10
N VAL B 209 27.70 -6.38 1.37
CA VAL B 209 28.86 -7.16 1.75
C VAL B 209 28.58 -8.55 1.15
N TYR B 210 27.44 -9.14 1.52
CA TYR B 210 27.01 -10.41 0.96
C TYR B 210 25.49 -10.44 0.78
N THR B 211 25.02 -11.32 -0.10
CA THR B 211 23.59 -11.42 -0.39
C THR B 211 23.04 -12.83 -0.18
N THR B 212 21.96 -12.95 0.58
CA THR B 212 21.33 -14.25 0.79
C THR B 212 20.10 -14.28 -0.10
N THR B 213 19.66 -15.47 -0.47
CA THR B 213 18.52 -15.57 -1.37
C THR B 213 17.72 -16.87 -1.28
N ILE B 214 16.54 -16.85 -1.89
CA ILE B 214 15.70 -18.04 -1.97
C ILE B 214 15.57 -18.30 -3.47
N GLU B 215 15.93 -19.49 -3.90
CA GLU B 215 15.85 -19.84 -5.31
C GLU B 215 14.80 -20.91 -5.56
N ALA B 216 13.93 -20.67 -6.54
CA ALA B 216 12.87 -21.60 -6.88
C ALA B 216 13.09 -22.12 -8.30
N LEU B 217 12.56 -23.30 -8.58
CA LEU B 217 12.70 -23.87 -9.91
C LEU B 217 11.34 -23.83 -10.57
N MET B 218 11.27 -23.21 -11.75
CA MET B 218 10.01 -23.11 -12.47
C MET B 218 9.75 -24.38 -13.28
N LYS B 219 8.49 -24.62 -13.62
CA LYS B 219 8.16 -25.82 -14.38
C LYS B 219 8.91 -25.94 -15.69
N ASP B 220 9.45 -24.83 -16.19
CA ASP B 220 10.17 -24.90 -17.44
C ASP B 220 11.64 -25.26 -17.19
N GLY B 221 11.99 -25.53 -15.94
CA GLY B 221 13.36 -25.86 -15.63
C GLY B 221 14.30 -24.70 -15.34
N LYS B 222 13.82 -23.47 -15.50
CA LYS B 222 14.66 -22.31 -15.23
C LYS B 222 14.58 -21.91 -13.75
N ALA B 223 15.66 -21.35 -13.21
CA ALA B 223 15.64 -20.95 -11.81
C ALA B 223 15.14 -19.53 -11.69
N LEU B 224 14.61 -19.20 -10.53
CA LEU B 224 14.09 -17.88 -10.29
C LEU B 224 14.36 -17.46 -8.86
N GLN B 225 15.02 -16.32 -8.69
CA GLN B 225 15.30 -15.80 -7.37
C GLN B 225 14.01 -15.07 -6.98
N ALA B 226 13.38 -15.50 -5.88
CA ALA B 226 12.11 -14.92 -5.45
C ALA B 226 12.21 -13.96 -4.28
N GLY B 227 13.40 -13.78 -3.74
CA GLY B 227 13.55 -12.88 -2.60
C GLY B 227 15.00 -12.80 -2.17
N THR B 228 15.42 -11.63 -1.72
CA THR B 228 16.80 -11.46 -1.31
C THR B 228 16.91 -10.70 0.00
N SER B 229 17.99 -10.97 0.73
CA SER B 229 18.25 -10.32 2.01
C SER B 229 19.75 -10.05 2.06
N HIS B 230 20.12 -8.78 2.22
CA HIS B 230 21.51 -8.38 2.22
C HIS B 230 22.12 -7.84 3.50
N TYR B 231 23.37 -8.22 3.73
CA TYR B 231 24.10 -7.70 4.87
C TYR B 231 24.91 -6.58 4.22
N LEU B 232 24.60 -5.35 4.58
CA LEU B 232 25.28 -4.20 3.98
C LEU B 232 26.51 -3.75 4.76
N GLY B 233 26.73 -4.36 5.92
CA GLY B 233 27.86 -3.99 6.74
C GLY B 233 27.80 -2.50 7.07
N GLU B 234 28.90 -1.80 6.84
CA GLU B 234 28.98 -0.37 7.14
C GLU B 234 29.09 0.44 5.86
N ASN B 235 28.87 -0.20 4.72
CA ASN B 235 28.98 0.49 3.45
C ASN B 235 28.15 1.76 3.37
N PHE B 236 26.89 1.68 3.78
CA PHE B 236 26.06 2.87 3.72
C PHE B 236 26.25 3.73 4.95
N ALA B 237 26.57 3.09 6.07
CA ALA B 237 26.79 3.82 7.30
C ALA B 237 27.97 4.76 7.06
N ARG B 238 29.00 4.26 6.38
CA ARG B 238 30.19 5.05 6.08
C ARG B 238 29.91 6.09 5.02
N ALA B 239 29.14 5.71 4.02
CA ALA B 239 28.82 6.62 2.93
C ALA B 239 27.97 7.79 3.40
N PHE B 240 27.08 7.55 4.35
CA PHE B 240 26.20 8.61 4.81
C PHE B 240 26.45 9.08 6.22
N ASP B 241 27.59 8.66 6.77
CA ASP B 241 27.97 9.07 8.12
C ASP B 241 26.90 8.73 9.14
N ILE B 242 26.65 7.44 9.30
CA ILE B 242 25.66 6.97 10.24
C ILE B 242 26.41 6.37 11.41
N LYS B 243 26.63 7.18 12.45
CA LYS B 243 27.34 6.73 13.65
C LYS B 243 26.47 6.91 14.87
N PHE B 244 26.89 6.35 15.99
CA PHE B 244 26.12 6.50 17.22
C PHE B 244 27.09 6.34 18.38
N GLN B 245 26.71 6.86 19.54
CA GLN B 245 27.55 6.75 20.71
C GLN B 245 27.08 5.53 21.49
N ASP B 246 27.90 4.49 21.49
CA ASP B 246 27.55 3.26 22.20
C ASP B 246 27.59 3.48 23.71
N ARG B 247 27.29 2.43 24.48
CA ARG B 247 27.29 2.52 25.94
C ARG B 247 28.69 2.69 26.52
N ASP B 248 29.70 2.35 25.72
CA ASP B 248 31.08 2.50 26.16
C ASP B 248 31.58 3.90 25.77
N LEU B 249 30.63 4.81 25.53
CA LEU B 249 30.92 6.19 25.13
C LEU B 249 31.72 6.31 23.84
N GLN B 250 31.95 5.19 23.18
CA GLN B 250 32.70 5.14 21.93
C GLN B 250 31.77 5.43 20.73
N VAL B 251 32.21 6.30 19.82
CA VAL B 251 31.39 6.63 18.64
C VAL B 251 31.74 5.72 17.47
N LYS B 252 30.80 4.83 17.13
CA LYS B 252 31.03 3.90 16.04
C LYS B 252 29.98 3.88 14.93
N TYR B 253 30.27 3.10 13.90
CA TYR B 253 29.39 2.94 12.75
C TYR B 253 28.35 1.84 12.97
N VAL B 254 27.17 2.04 12.40
CA VAL B 254 26.08 1.07 12.52
C VAL B 254 26.22 0.05 11.40
N HIS B 255 25.57 -1.10 11.57
CA HIS B 255 25.61 -2.12 10.55
C HIS B 255 24.19 -2.27 10.05
N THR B 256 23.99 -1.99 8.76
CA THR B 256 22.66 -2.07 8.17
C THR B 256 22.42 -3.32 7.33
N THR B 257 21.14 -3.66 7.14
CA THR B 257 20.76 -4.80 6.32
C THR B 257 19.64 -4.30 5.42
N SER B 258 19.38 -5.05 4.37
CA SER B 258 18.37 -4.70 3.39
C SER B 258 17.72 -5.99 2.88
N TRP B 259 16.42 -5.96 2.66
CA TRP B 259 15.72 -7.13 2.16
C TRP B 259 14.46 -6.74 1.42
N GLY B 260 14.14 -7.49 0.37
CA GLY B 260 12.95 -7.18 -0.39
C GLY B 260 12.39 -8.32 -1.22
N LEU B 261 11.09 -8.26 -1.42
CA LEU B 261 10.37 -9.24 -2.21
C LEU B 261 9.38 -8.44 -3.06
N SER B 262 9.47 -8.56 -4.38
CA SER B 262 8.60 -7.85 -5.32
C SER B 262 7.43 -8.70 -5.83
N TRP B 263 6.59 -8.13 -6.70
CA TRP B 263 5.46 -8.88 -7.21
C TRP B 263 5.94 -9.98 -8.14
N ARG B 264 7.26 -10.06 -8.28
CA ARG B 264 7.84 -11.12 -9.07
C ARG B 264 7.39 -12.43 -8.42
N PHE B 265 7.15 -12.37 -7.13
CA PHE B 265 6.71 -13.54 -6.40
C PHE B 265 5.45 -14.12 -7.04
N ILE B 266 4.64 -13.25 -7.64
CA ILE B 266 3.42 -13.70 -8.27
C ILE B 266 3.80 -14.57 -9.47
N GLY B 267 4.86 -14.18 -10.15
CA GLY B 267 5.31 -14.94 -11.30
C GLY B 267 5.77 -16.31 -10.86
N ALA B 268 6.46 -16.36 -9.73
CA ALA B 268 6.94 -17.63 -9.20
C ALA B 268 5.75 -18.54 -8.95
N ILE B 269 4.67 -17.97 -8.43
CA ILE B 269 3.48 -18.75 -8.14
C ILE B 269 2.93 -19.34 -9.43
N ILE B 270 2.77 -18.48 -10.44
CA ILE B 270 2.27 -18.90 -11.73
C ILE B 270 3.09 -20.02 -12.37
N MET B 271 4.40 -19.78 -12.51
CA MET B 271 5.28 -20.75 -13.15
C MET B 271 5.67 -21.97 -12.34
N THR B 272 5.21 -22.06 -11.11
CA THR B 272 5.55 -23.22 -10.30
C THR B 272 4.41 -24.24 -10.30
N HIS B 273 3.18 -23.75 -10.25
CA HIS B 273 2.02 -24.63 -10.20
C HIS B 273 1.15 -24.65 -11.45
N GLY B 274 1.28 -23.62 -12.27
CA GLY B 274 0.48 -23.56 -13.47
C GLY B 274 0.60 -24.78 -14.36
N ASP B 275 -0.47 -25.10 -15.08
CA ASP B 275 -0.46 -26.25 -15.98
C ASP B 275 -1.07 -25.82 -17.32
N ASP B 276 -1.30 -26.78 -18.20
CA ASP B 276 -1.86 -26.48 -19.50
C ASP B 276 -3.30 -25.97 -19.47
N ARG B 277 -4.03 -26.22 -18.39
CA ARG B 277 -5.39 -25.75 -18.31
C ARG B 277 -5.43 -24.33 -17.79
N GLY B 278 -4.28 -23.82 -17.37
CA GLY B 278 -4.22 -22.45 -16.87
C GLY B 278 -3.51 -22.31 -15.54
N LEU B 279 -4.00 -21.41 -14.69
CA LEU B 279 -3.39 -21.20 -13.38
C LEU B 279 -3.85 -22.26 -12.37
N VAL B 280 -3.06 -22.36 -11.31
CA VAL B 280 -3.34 -23.24 -10.17
C VAL B 280 -2.84 -22.38 -9.02
N LEU B 281 -3.76 -21.75 -8.30
CA LEU B 281 -3.37 -20.90 -7.21
C LEU B 281 -3.34 -21.56 -5.84
N PRO B 282 -2.24 -21.37 -5.10
CA PRO B 282 -2.16 -21.99 -3.78
C PRO B 282 -3.29 -21.42 -2.93
N PRO B 283 -4.04 -22.30 -2.23
CA PRO B 283 -5.18 -21.95 -1.38
C PRO B 283 -4.96 -20.80 -0.41
N ARG B 284 -3.82 -20.80 0.27
CA ARG B 284 -3.51 -19.76 1.25
C ARG B 284 -3.32 -18.36 0.69
N LEU B 285 -3.14 -18.24 -0.62
CA LEU B 285 -2.94 -16.92 -1.19
C LEU B 285 -3.92 -16.60 -2.30
N ALA B 286 -4.81 -17.54 -2.60
CA ALA B 286 -5.78 -17.37 -3.66
C ALA B 286 -6.90 -16.37 -3.36
N PRO B 287 -7.20 -15.49 -4.32
CA PRO B 287 -8.27 -14.52 -4.08
C PRO B 287 -9.60 -15.26 -3.86
N ILE B 288 -9.86 -16.28 -4.68
CA ILE B 288 -11.09 -17.06 -4.55
C ILE B 288 -10.69 -18.49 -4.29
N GLN B 289 -11.17 -19.04 -3.17
CA GLN B 289 -10.85 -20.40 -2.77
C GLN B 289 -11.90 -21.37 -3.29
N VAL B 290 -13.16 -21.01 -3.12
CA VAL B 290 -14.24 -21.85 -3.59
C VAL B 290 -15.14 -21.02 -4.51
N VAL B 291 -15.35 -21.50 -5.72
CA VAL B 291 -16.22 -20.80 -6.65
C VAL B 291 -17.45 -21.67 -6.78
N ILE B 292 -18.62 -21.10 -6.56
CA ILE B 292 -19.86 -21.87 -6.69
C ILE B 292 -20.45 -21.58 -8.07
N VAL B 293 -20.60 -22.63 -8.87
CA VAL B 293 -21.16 -22.52 -10.22
C VAL B 293 -22.57 -23.10 -10.18
N PRO B 294 -23.60 -22.24 -10.10
CA PRO B 294 -24.94 -22.83 -10.06
C PRO B 294 -25.29 -23.39 -11.45
N ILE B 295 -26.07 -24.47 -11.48
CA ILE B 295 -26.47 -25.12 -12.73
C ILE B 295 -27.99 -25.23 -12.81
N TYR B 296 -28.56 -24.79 -13.92
CA TYR B 296 -30.00 -24.85 -14.02
C TYR B 296 -30.60 -24.73 -15.42
N LYS B 297 -31.93 -24.70 -15.43
CA LYS B 297 -32.73 -24.53 -16.62
C LYS B 297 -33.70 -23.45 -16.17
N ASP B 298 -34.40 -22.81 -17.09
CA ASP B 298 -35.31 -21.74 -16.71
C ASP B 298 -36.15 -22.02 -15.47
N GLU B 299 -36.74 -23.20 -15.40
CA GLU B 299 -37.61 -23.54 -14.27
C GLU B 299 -36.87 -23.89 -12.98
N SER B 300 -35.60 -24.26 -13.10
CA SER B 300 -34.78 -24.62 -11.95
C SER B 300 -34.06 -23.40 -11.34
N ARG B 301 -33.76 -22.43 -12.19
CA ARG B 301 -33.04 -21.24 -11.80
C ARG B 301 -33.31 -20.66 -10.41
N GLU B 302 -34.56 -20.26 -10.16
CA GLU B 302 -34.94 -19.65 -8.89
C GLU B 302 -34.49 -20.43 -7.64
N ARG B 303 -34.95 -21.66 -7.50
CA ARG B 303 -34.58 -22.43 -6.32
C ARG B 303 -33.09 -22.77 -6.28
N VAL B 304 -32.50 -23.05 -7.44
CA VAL B 304 -31.08 -23.38 -7.47
C VAL B 304 -30.21 -22.21 -7.03
N LEU B 305 -30.50 -21.02 -7.56
CA LEU B 305 -29.73 -19.85 -7.19
C LEU B 305 -29.92 -19.51 -5.72
N GLU B 306 -31.07 -19.90 -5.17
CA GLU B 306 -31.35 -19.63 -3.77
C GLU B 306 -30.52 -20.56 -2.91
N ALA B 307 -30.39 -21.81 -3.36
CA ALA B 307 -29.60 -22.76 -2.61
C ALA B 307 -28.16 -22.28 -2.62
N ALA B 308 -27.68 -21.93 -3.82
CA ALA B 308 -26.31 -21.46 -4.00
C ALA B 308 -25.95 -20.29 -3.09
N GLN B 309 -26.86 -19.35 -2.93
CA GLN B 309 -26.61 -18.19 -2.07
C GLN B 309 -26.56 -18.63 -0.62
N GLY B 310 -27.35 -19.64 -0.29
CA GLY B 310 -27.35 -20.13 1.07
C GLY B 310 -25.98 -20.73 1.30
N LEU B 311 -25.53 -21.55 0.36
CA LEU B 311 -24.22 -22.18 0.44
C LEU B 311 -23.13 -21.12 0.49
N ARG B 312 -23.37 -19.97 -0.14
CA ARG B 312 -22.37 -18.91 -0.12
C ARG B 312 -22.26 -18.33 1.28
N GLN B 313 -23.35 -18.33 2.03
CA GLN B 313 -23.34 -17.80 3.38
C GLN B 313 -22.65 -18.79 4.31
N ALA B 314 -23.03 -20.06 4.20
CA ALA B 314 -22.45 -21.09 5.03
C ALA B 314 -20.94 -21.14 4.83
N LEU B 315 -20.49 -20.88 3.62
CA LEU B 315 -19.05 -20.90 3.35
C LEU B 315 -18.33 -19.67 3.84
N LEU B 316 -18.98 -18.51 3.77
CA LEU B 316 -18.36 -17.29 4.23
C LEU B 316 -18.22 -17.37 5.74
N ALA B 317 -19.14 -18.08 6.37
CA ALA B 317 -19.11 -18.23 7.82
C ALA B 317 -17.85 -19.01 8.23
N GLN B 318 -17.51 -20.04 7.46
CA GLN B 318 -16.32 -20.82 7.77
C GLN B 318 -15.08 -19.99 7.48
N GLY B 319 -15.30 -18.73 7.12
CA GLY B 319 -14.19 -17.85 6.83
C GLY B 319 -13.43 -18.19 5.56
N LEU B 320 -14.10 -18.85 4.63
CA LEU B 320 -13.46 -19.21 3.36
C LEU B 320 -13.72 -18.09 2.36
N ARG B 321 -12.85 -17.98 1.37
CA ARG B 321 -13.02 -16.97 0.33
C ARG B 321 -13.80 -17.61 -0.82
N VAL B 322 -15.10 -17.35 -0.84
CA VAL B 322 -15.99 -17.93 -1.84
C VAL B 322 -16.58 -16.90 -2.80
N HIS B 323 -16.82 -17.34 -4.04
CA HIS B 323 -17.41 -16.50 -5.06
C HIS B 323 -18.52 -17.29 -5.75
N LEU B 324 -19.67 -16.68 -5.92
CA LEU B 324 -20.80 -17.33 -6.59
C LEU B 324 -20.92 -16.75 -7.99
N ASP B 325 -20.80 -17.60 -9.00
CA ASP B 325 -20.89 -17.14 -10.40
C ASP B 325 -22.36 -17.11 -10.86
N ASP B 326 -23.05 -16.00 -10.60
CA ASP B 326 -24.46 -15.83 -10.98
C ASP B 326 -24.67 -15.54 -12.46
N ARG B 327 -23.62 -15.12 -13.15
CA ARG B 327 -23.70 -14.76 -14.56
C ARG B 327 -24.62 -15.69 -15.34
N ASP B 328 -25.69 -15.13 -15.91
CA ASP B 328 -26.64 -15.95 -16.65
C ASP B 328 -26.32 -16.00 -18.13
N GLN B 329 -25.36 -15.20 -18.57
CA GLN B 329 -24.98 -15.18 -19.97
C GLN B 329 -23.93 -16.23 -20.35
N HIS B 330 -23.70 -17.19 -19.47
CA HIS B 330 -22.74 -18.27 -19.74
C HIS B 330 -23.26 -19.59 -19.21
N THR B 331 -22.79 -20.68 -19.80
CA THR B 331 -23.22 -22.01 -19.38
C THR B 331 -22.23 -22.61 -18.39
N PRO B 332 -22.69 -23.58 -17.59
CA PRO B 332 -21.83 -24.22 -16.61
C PRO B 332 -20.55 -24.64 -17.30
N GLY B 333 -20.70 -25.30 -18.44
CA GLY B 333 -19.53 -25.75 -19.16
C GLY B 333 -18.51 -24.64 -19.26
N TYR B 334 -18.98 -23.49 -19.72
CA TYR B 334 -18.14 -22.31 -19.89
C TYR B 334 -17.47 -21.90 -18.59
N LYS B 335 -18.28 -21.74 -17.55
CA LYS B 335 -17.78 -21.33 -16.24
C LYS B 335 -16.73 -22.26 -15.70
N PHE B 336 -16.94 -23.56 -15.86
CA PHE B 336 -15.98 -24.53 -15.38
C PHE B 336 -14.59 -24.16 -15.92
N HIS B 337 -14.51 -23.95 -17.22
CA HIS B 337 -13.25 -23.59 -17.85
C HIS B 337 -12.69 -22.28 -17.33
N GLU B 338 -13.51 -21.23 -17.25
CA GLU B 338 -13.00 -19.95 -16.81
C GLU B 338 -12.28 -20.06 -15.47
N TRP B 339 -12.97 -20.61 -14.48
CA TRP B 339 -12.40 -20.75 -13.14
C TRP B 339 -11.21 -21.70 -13.04
N GLU B 340 -11.10 -22.66 -13.96
CA GLU B 340 -9.95 -23.57 -13.94
C GLU B 340 -8.80 -22.70 -14.46
N LEU B 341 -9.11 -21.88 -15.45
CA LEU B 341 -8.14 -20.98 -16.06
C LEU B 341 -7.62 -20.04 -14.98
N LYS B 342 -8.56 -19.47 -14.22
CA LYS B 342 -8.20 -18.55 -13.16
C LYS B 342 -7.48 -19.24 -12.00
N GLY B 343 -7.47 -20.57 -12.00
CA GLY B 343 -6.79 -21.30 -10.95
C GLY B 343 -7.46 -21.44 -9.60
N VAL B 344 -8.78 -21.33 -9.54
CA VAL B 344 -9.47 -21.49 -8.26
C VAL B 344 -9.31 -22.95 -7.81
N PRO B 345 -8.93 -23.17 -6.55
CA PRO B 345 -8.74 -24.51 -5.98
C PRO B 345 -9.95 -25.43 -6.00
N PHE B 346 -11.12 -24.90 -5.67
CA PHE B 346 -12.32 -25.71 -5.67
C PHE B 346 -13.51 -25.04 -6.28
N ARG B 347 -14.29 -25.83 -7.00
CA ARG B 347 -15.51 -25.36 -7.61
C ARG B 347 -16.59 -26.25 -7.03
N VAL B 348 -17.72 -25.66 -6.70
CA VAL B 348 -18.84 -26.43 -6.18
C VAL B 348 -19.96 -26.35 -7.21
N GLU B 349 -20.37 -27.51 -7.71
CA GLU B 349 -21.45 -27.58 -8.70
C GLU B 349 -22.76 -27.78 -7.95
N LEU B 350 -23.70 -26.87 -8.17
CA LEU B 350 -24.98 -26.99 -7.51
C LEU B 350 -26.09 -27.03 -8.56
N GLY B 351 -26.58 -28.23 -8.86
CA GLY B 351 -27.63 -28.39 -9.85
C GLY B 351 -28.93 -28.81 -9.18
N PRO B 352 -30.04 -28.94 -9.92
CA PRO B 352 -31.30 -29.33 -9.28
C PRO B 352 -31.30 -30.77 -8.78
N LYS B 353 -30.62 -31.65 -9.51
CA LYS B 353 -30.52 -33.06 -9.12
C LYS B 353 -29.79 -33.11 -7.79
N ASP B 354 -28.85 -32.19 -7.61
CA ASP B 354 -28.05 -32.09 -6.40
C ASP B 354 -28.91 -31.55 -5.26
N LEU B 355 -29.57 -30.43 -5.53
CA LEU B 355 -30.43 -29.80 -4.55
C LEU B 355 -31.49 -30.79 -4.12
N GLU B 356 -31.84 -31.70 -5.04
CA GLU B 356 -32.84 -32.72 -4.79
C GLU B 356 -32.43 -33.58 -3.60
N GLY B 357 -31.23 -34.15 -3.68
CA GLY B 357 -30.71 -35.00 -2.62
C GLY B 357 -29.88 -34.28 -1.57
N GLY B 358 -30.10 -32.97 -1.42
CA GLY B 358 -29.37 -32.20 -0.43
C GLY B 358 -27.87 -32.34 -0.49
N GLN B 359 -27.33 -32.56 -1.69
CA GLN B 359 -25.89 -32.70 -1.85
C GLN B 359 -25.35 -31.72 -2.89
N ALA B 360 -24.10 -31.90 -3.27
CA ALA B 360 -23.46 -31.03 -4.25
C ALA B 360 -22.18 -31.68 -4.72
N VAL B 361 -21.65 -31.20 -5.83
CA VAL B 361 -20.42 -31.76 -6.35
C VAL B 361 -19.25 -30.85 -6.06
N LEU B 362 -18.14 -31.45 -5.63
CA LEU B 362 -16.95 -30.67 -5.32
C LEU B 362 -15.83 -31.06 -6.28
N ALA B 363 -15.51 -30.17 -7.21
CA ALA B 363 -14.44 -30.42 -8.19
C ALA B 363 -13.15 -29.75 -7.73
N SER B 364 -12.03 -30.46 -7.86
CA SER B 364 -10.75 -29.90 -7.43
C SER B 364 -9.85 -29.60 -8.60
N ARG B 365 -9.39 -28.36 -8.68
CA ARG B 365 -8.51 -27.94 -9.76
C ARG B 365 -7.38 -28.93 -10.04
N LEU B 366 -7.02 -29.69 -9.03
CA LEU B 366 -5.96 -30.68 -9.18
C LEU B 366 -6.47 -31.93 -9.86
N GLY B 367 -7.78 -32.11 -9.89
CA GLY B 367 -8.36 -33.28 -10.52
C GLY B 367 -9.36 -33.97 -9.63
N GLY B 368 -10.44 -34.46 -10.23
CA GLY B 368 -11.44 -35.19 -9.47
C GLY B 368 -12.65 -34.42 -8.99
N LYS B 369 -13.76 -35.14 -8.91
CA LYS B 369 -15.02 -34.59 -8.43
C LYS B 369 -15.53 -35.56 -7.40
N GLU B 370 -16.38 -35.07 -6.49
CA GLU B 370 -16.95 -35.94 -5.47
C GLU B 370 -18.23 -35.30 -5.00
N THR B 371 -19.15 -36.13 -4.51
CA THR B 371 -20.42 -35.64 -4.03
C THR B 371 -20.39 -35.64 -2.52
N LEU B 372 -20.97 -34.62 -1.91
CA LEU B 372 -21.01 -34.52 -0.46
C LEU B 372 -22.30 -33.81 -0.11
N PRO B 373 -22.79 -34.00 1.11
CA PRO B 373 -24.03 -33.31 1.46
C PRO B 373 -23.74 -31.80 1.56
N LEU B 374 -24.76 -30.98 1.33
CA LEU B 374 -24.56 -29.53 1.42
C LEU B 374 -24.19 -29.12 2.83
N ALA B 375 -24.78 -29.79 3.81
CA ALA B 375 -24.50 -29.49 5.21
C ALA B 375 -23.05 -29.76 5.61
N ALA B 376 -22.49 -30.85 5.10
CA ALA B 376 -21.10 -31.22 5.42
C ALA B 376 -20.08 -30.26 4.82
N LEU B 377 -20.23 -30.03 3.52
CA LEU B 377 -19.35 -29.16 2.75
C LEU B 377 -18.65 -28.00 3.48
N PRO B 378 -19.41 -27.17 4.22
CA PRO B 378 -18.79 -26.06 4.94
C PRO B 378 -17.67 -26.47 5.87
N GLU B 379 -17.95 -27.41 6.75
CA GLU B 379 -16.95 -27.89 7.71
C GLU B 379 -15.85 -28.72 7.06
N ALA B 380 -16.09 -29.23 5.86
CA ALA B 380 -15.10 -30.06 5.18
C ALA B 380 -14.11 -29.32 4.30
N LEU B 381 -14.53 -28.21 3.69
CA LEU B 381 -13.66 -27.45 2.80
C LEU B 381 -12.30 -27.02 3.36
N PRO B 382 -12.29 -26.44 4.57
CA PRO B 382 -11.02 -26.00 5.16
C PRO B 382 -9.96 -27.09 5.10
N GLY B 383 -10.29 -28.27 5.62
CA GLY B 383 -9.35 -29.37 5.59
C GLY B 383 -8.94 -29.77 4.19
N LYS B 384 -9.89 -29.79 3.26
CA LYS B 384 -9.58 -30.16 1.90
C LYS B 384 -8.64 -29.14 1.30
N LEU B 385 -8.83 -27.88 1.68
CA LEU B 385 -7.98 -26.81 1.20
C LEU B 385 -6.53 -27.10 1.61
N ASP B 386 -6.33 -27.48 2.87
CA ASP B 386 -5.01 -27.80 3.39
C ASP B 386 -4.36 -28.95 2.62
N ALA B 387 -5.15 -29.98 2.33
CA ALA B 387 -4.66 -31.12 1.60
C ALA B 387 -4.24 -30.62 0.22
N PHE B 388 -5.06 -29.72 -0.33
CA PHE B 388 -4.79 -29.15 -1.65
C PHE B 388 -3.39 -28.54 -1.65
N HIS B 389 -3.09 -27.81 -0.57
CA HIS B 389 -1.80 -27.15 -0.40
C HIS B 389 -0.69 -28.19 -0.26
N GLU B 390 -0.94 -29.17 0.60
CA GLU B 390 0.03 -30.22 0.83
C GLU B 390 0.36 -30.89 -0.50
N GLU B 391 -0.67 -31.18 -1.31
CA GLU B 391 -0.45 -31.81 -2.60
C GLU B 391 0.43 -30.95 -3.50
N LEU B 392 0.03 -29.71 -3.72
CA LEU B 392 0.80 -28.79 -4.56
C LEU B 392 2.27 -28.75 -4.17
N TYR B 393 2.52 -28.78 -2.86
CA TYR B 393 3.89 -28.73 -2.38
C TYR B 393 4.68 -30.00 -2.65
N ARG B 394 4.09 -31.16 -2.36
CA ARG B 394 4.85 -32.38 -2.60
C ARG B 394 5.11 -32.56 -4.09
N ARG B 395 4.17 -32.08 -4.92
CA ARG B 395 4.35 -32.19 -6.36
C ARG B 395 5.49 -31.32 -6.85
N ALA B 396 5.60 -30.13 -6.25
CA ALA B 396 6.64 -29.20 -6.64
C ALA B 396 8.00 -29.71 -6.15
N LEU B 397 8.01 -30.29 -4.95
CA LEU B 397 9.24 -30.82 -4.38
C LEU B 397 9.72 -31.96 -5.25
N ALA B 398 8.77 -32.80 -5.63
CA ALA B 398 9.07 -33.93 -6.48
C ALA B 398 9.65 -33.37 -7.77
N PHE B 399 8.93 -32.43 -8.38
CA PHE B 399 9.41 -31.84 -9.61
C PHE B 399 10.84 -31.32 -9.45
N ARG B 400 11.15 -30.77 -8.28
CA ARG B 400 12.48 -30.23 -8.06
C ARG B 400 13.55 -31.31 -7.99
N GLU B 401 13.31 -32.35 -7.19
CA GLU B 401 14.26 -33.43 -7.03
C GLU B 401 14.49 -34.15 -8.36
N ASP B 402 13.43 -34.27 -9.13
CA ASP B 402 13.50 -34.91 -10.45
C ASP B 402 14.38 -34.07 -11.39
N HIS B 403 14.68 -32.84 -10.99
CA HIS B 403 15.48 -31.95 -11.83
C HIS B 403 16.71 -31.36 -11.18
N THR B 404 17.10 -31.95 -10.06
CA THR B 404 18.31 -31.50 -9.37
C THR B 404 19.30 -32.62 -9.68
N ARG B 405 20.57 -32.29 -9.81
CA ARG B 405 21.53 -33.32 -10.15
C ARG B 405 22.98 -32.91 -9.92
N LYS B 406 23.75 -33.81 -9.31
CA LYS B 406 25.16 -33.56 -9.05
C LYS B 406 25.90 -33.86 -10.35
N VAL B 407 26.82 -32.96 -10.72
CA VAL B 407 27.60 -33.15 -11.93
C VAL B 407 29.07 -33.08 -11.58
N ASP B 408 29.88 -33.93 -12.21
CA ASP B 408 31.31 -33.93 -11.96
C ASP B 408 32.08 -33.61 -13.21
N THR B 409 31.49 -33.94 -14.35
CA THR B 409 32.13 -33.66 -15.63
C THR B 409 31.38 -32.49 -16.25
N TYR B 410 32.12 -31.57 -16.88
CA TYR B 410 31.52 -30.40 -17.49
C TYR B 410 30.50 -30.77 -18.56
N GLU B 411 30.65 -31.94 -19.16
CA GLU B 411 29.72 -32.39 -20.20
C GLU B 411 28.39 -32.80 -19.54
N ALA B 412 28.47 -33.21 -18.28
CA ALA B 412 27.28 -33.60 -17.53
C ALA B 412 26.59 -32.34 -17.03
N PHE B 413 27.39 -31.31 -16.78
CA PHE B 413 26.90 -30.01 -16.32
C PHE B 413 26.07 -29.39 -17.44
N LYS B 414 26.60 -29.40 -18.65
CA LYS B 414 25.89 -28.83 -19.78
C LYS B 414 24.53 -29.51 -19.96
N GLU B 415 24.48 -30.82 -19.71
CA GLU B 415 23.24 -31.58 -19.83
C GLU B 415 22.25 -31.23 -18.72
N ALA B 416 22.76 -31.09 -17.50
CA ALA B 416 21.93 -30.80 -16.33
C ALA B 416 21.34 -29.39 -16.29
N VAL B 417 22.03 -28.40 -16.85
CA VAL B 417 21.52 -27.05 -16.84
C VAL B 417 20.57 -26.81 -18.01
N GLN B 418 20.06 -27.90 -18.57
CA GLN B 418 19.11 -27.81 -19.69
C GLN B 418 17.80 -28.30 -19.10
N GLU B 419 17.94 -29.11 -18.05
CA GLU B 419 16.80 -29.71 -17.36
C GLU B 419 16.44 -28.97 -16.08
N GLY B 420 17.43 -28.39 -15.40
CA GLY B 420 17.16 -27.68 -14.18
C GLY B 420 18.40 -27.31 -13.39
N PHE B 421 18.45 -27.75 -12.14
CA PHE B 421 19.59 -27.48 -11.27
C PHE B 421 20.77 -28.38 -11.52
N ALA B 422 21.96 -27.82 -11.40
CA ALA B 422 23.20 -28.56 -11.57
C ALA B 422 24.05 -28.31 -10.33
N LEU B 423 24.24 -29.34 -9.52
CA LEU B 423 25.04 -29.19 -8.30
C LEU B 423 26.51 -29.49 -8.61
N ALA B 424 27.27 -28.44 -8.90
CA ALA B 424 28.68 -28.58 -9.25
C ALA B 424 29.63 -27.88 -8.28
N PHE B 425 30.93 -28.15 -8.46
CA PHE B 425 31.99 -27.55 -7.66
C PHE B 425 32.48 -26.36 -8.48
N HIS B 426 32.92 -25.31 -7.82
CA HIS B 426 33.42 -24.17 -8.58
C HIS B 426 34.61 -23.56 -7.88
N CYS B 427 35.54 -23.05 -8.67
CA CYS B 427 36.75 -22.43 -8.13
C CYS B 427 36.47 -21.18 -7.32
N GLY B 428 35.34 -20.54 -7.58
CA GLY B 428 34.99 -19.33 -6.85
C GLY B 428 35.64 -18.10 -7.47
N ASP B 429 35.91 -18.17 -8.77
CA ASP B 429 36.54 -17.09 -9.50
C ASP B 429 35.51 -16.45 -10.42
N LYS B 430 35.37 -15.12 -10.33
CA LYS B 430 34.43 -14.40 -11.17
C LYS B 430 34.74 -14.67 -12.64
N ALA B 431 36.03 -14.75 -12.97
CA ALA B 431 36.45 -15.00 -14.34
C ALA B 431 35.89 -16.32 -14.86
N CYS B 432 35.97 -17.37 -14.04
CA CYS B 432 35.46 -18.68 -14.46
C CYS B 432 33.94 -18.62 -14.59
N GLU B 433 33.30 -18.03 -13.58
CA GLU B 433 31.85 -17.90 -13.57
C GLU B 433 31.37 -17.30 -14.90
N ARG B 434 31.86 -16.12 -15.23
CA ARG B 434 31.49 -15.47 -16.49
C ARG B 434 31.65 -16.42 -17.67
N LEU B 435 32.75 -17.17 -17.66
CA LEU B 435 33.05 -18.12 -18.73
C LEU B 435 31.95 -19.17 -18.86
N ILE B 436 31.63 -19.84 -17.75
CA ILE B 436 30.59 -20.86 -17.75
C ILE B 436 29.29 -20.29 -18.31
N GLN B 437 28.99 -19.05 -17.92
CA GLN B 437 27.77 -18.39 -18.38
C GLN B 437 27.80 -18.10 -19.88
N GLU B 438 28.91 -17.55 -20.35
CA GLU B 438 29.03 -17.25 -21.77
C GLU B 438 28.86 -18.51 -22.60
N GLU B 439 29.34 -19.62 -22.05
CA GLU B 439 29.28 -20.90 -22.73
C GLU B 439 27.95 -21.66 -22.62
N THR B 440 27.39 -21.71 -21.42
CA THR B 440 26.13 -22.45 -21.21
C THR B 440 24.93 -21.59 -20.88
N THR B 441 25.17 -20.31 -20.57
CA THR B 441 24.15 -19.32 -20.18
C THR B 441 23.69 -19.53 -18.74
N ALA B 442 24.02 -20.70 -18.17
CA ALA B 442 23.66 -21.01 -16.80
C ALA B 442 24.50 -20.14 -15.87
N THR B 443 23.95 -19.82 -14.71
CA THR B 443 24.66 -18.99 -13.75
C THR B 443 24.67 -19.58 -12.37
N THR B 444 25.31 -18.87 -11.45
CA THR B 444 25.37 -19.30 -10.07
C THR B 444 24.07 -18.87 -9.44
N ARG B 445 23.39 -19.81 -8.78
CA ARG B 445 22.13 -19.49 -8.13
C ARG B 445 22.42 -19.17 -6.68
N CYS B 446 23.15 -20.06 -6.03
CA CYS B 446 23.52 -19.83 -4.64
C CYS B 446 24.36 -20.96 -4.07
N VAL B 447 25.02 -20.65 -2.96
CA VAL B 447 25.82 -21.61 -2.23
C VAL B 447 24.89 -21.94 -1.07
N PRO B 448 24.10 -23.01 -1.19
CA PRO B 448 23.14 -23.44 -0.17
C PRO B 448 23.70 -23.63 1.24
N PHE B 449 23.00 -23.10 2.23
CA PHE B 449 23.43 -23.19 3.62
C PHE B 449 23.46 -24.62 4.13
N GLU B 450 22.41 -25.39 3.81
CA GLU B 450 22.28 -26.78 4.24
C GLU B 450 23.01 -27.79 3.37
N ALA B 451 23.64 -27.34 2.29
CA ALA B 451 24.35 -28.25 1.40
C ALA B 451 25.38 -29.09 2.16
N GLU B 452 25.58 -30.31 1.66
CA GLU B 452 26.53 -31.27 2.24
C GLU B 452 27.97 -30.81 2.03
N PRO B 453 28.79 -30.90 3.09
CA PRO B 453 30.19 -30.48 2.96
C PRO B 453 30.93 -31.39 1.96
N GLU B 454 31.53 -30.78 0.95
CA GLU B 454 32.27 -31.52 -0.08
C GLU B 454 33.43 -30.69 -0.59
N GLU B 455 34.46 -31.36 -1.09
CA GLU B 455 35.65 -30.69 -1.63
C GLU B 455 35.94 -31.38 -2.95
N GLY B 456 36.37 -30.61 -3.94
CA GLY B 456 36.66 -31.21 -5.23
C GLY B 456 37.47 -30.30 -6.10
N PHE B 457 37.16 -30.28 -7.40
CA PHE B 457 37.86 -29.43 -8.34
C PHE B 457 36.82 -28.81 -9.26
N CYS B 458 36.97 -27.52 -9.53
CA CYS B 458 36.01 -26.80 -10.37
C CYS B 458 35.57 -27.59 -11.58
N VAL B 459 34.26 -27.68 -11.75
CA VAL B 459 33.69 -28.42 -12.86
C VAL B 459 34.19 -27.90 -14.22
N ARG B 460 34.74 -26.70 -14.26
CA ARG B 460 35.18 -26.19 -15.56
C ARG B 460 36.67 -25.92 -15.77
N CYS B 461 37.32 -25.30 -14.80
CA CYS B 461 38.73 -25.00 -14.94
C CYS B 461 39.62 -26.01 -14.20
N GLY B 462 39.04 -26.74 -13.26
CA GLY B 462 39.78 -27.75 -12.54
C GLY B 462 40.44 -27.35 -11.24
N ARG B 463 40.65 -26.06 -11.05
CA ARG B 463 41.27 -25.57 -9.82
C ARG B 463 40.53 -26.01 -8.57
N PRO B 464 41.25 -26.18 -7.45
CA PRO B 464 40.63 -26.59 -6.19
C PRO B 464 39.28 -25.93 -5.95
N SER B 465 38.28 -26.73 -5.62
CA SER B 465 36.94 -26.21 -5.38
C SER B 465 36.91 -25.18 -4.26
N ALA B 466 35.91 -24.32 -4.31
CA ALA B 466 35.73 -23.28 -3.31
C ALA B 466 34.40 -23.52 -2.58
N TYR B 467 34.14 -22.70 -1.57
CA TYR B 467 32.89 -22.77 -0.81
C TYR B 467 32.72 -23.95 0.12
N GLY B 468 33.54 -24.97 -0.05
CA GLY B 468 33.45 -26.15 0.80
C GLY B 468 32.19 -26.95 0.60
N LYS B 469 31.61 -26.84 -0.59
CA LYS B 469 30.38 -27.54 -0.93
C LYS B 469 30.06 -27.21 -2.37
N ARG B 470 29.24 -28.05 -3.01
CA ARG B 470 28.84 -27.81 -4.39
C ARG B 470 27.94 -26.59 -4.45
N VAL B 471 28.06 -25.85 -5.55
CA VAL B 471 27.29 -24.66 -5.79
C VAL B 471 26.10 -25.04 -6.66
N VAL B 472 25.04 -24.24 -6.59
CA VAL B 472 23.84 -24.52 -7.38
C VAL B 472 23.88 -23.66 -8.63
N PHE B 473 23.87 -24.29 -9.80
CA PHE B 473 23.87 -23.60 -11.08
C PHE B 473 22.56 -23.90 -11.79
N ALA B 474 22.20 -23.07 -12.76
CA ALA B 474 20.98 -23.26 -13.52
C ALA B 474 20.78 -22.09 -14.43
N LYS B 475 19.95 -22.27 -15.46
CA LYS B 475 19.63 -21.18 -16.36
C LYS B 475 18.52 -20.47 -15.58
N ALA B 476 18.69 -19.18 -15.32
CA ALA B 476 17.70 -18.47 -14.55
C ALA B 476 17.00 -17.38 -15.31
N TYR B 477 15.91 -16.90 -14.71
CA TYR B 477 15.10 -15.83 -15.26
C TYR B 477 15.69 -14.46 -14.93
N1 5MU C 55 -2.53 8.41 -59.64
C2 5MU C 55 -3.27 7.29 -59.39
N3 5MU C 55 -3.90 7.29 -58.17
C4 5MU C 55 -3.86 8.28 -57.20
C5 5MU C 55 -3.05 9.42 -57.54
C5M 5MU C 55 -2.95 10.55 -56.56
C6 5MU C 55 -2.43 9.43 -58.72
O2 5MU C 55 -3.37 6.36 -60.19
O4 5MU C 55 -4.47 8.16 -56.15
C1' 5MU C 55 -1.84 8.50 -60.92
C2' 5MU C 55 -2.80 8.94 -62.04
O2' 5MU C 55 -2.43 8.35 -63.27
C3' 5MU C 55 -2.62 10.46 -61.98
C4' 5MU C 55 -1.13 10.58 -61.73
O3' 5MU C 55 -3.01 11.13 -63.18
O4' 5MU C 55 -0.85 9.50 -60.81
C5' 5MU C 55 -0.69 11.89 -61.13
O5' 5MU C 55 -1.54 12.26 -60.07
P 5MU C 55 -1.20 13.57 -59.23
OP1 5MU C 55 -1.00 14.69 -60.18
OP2 5MU C 55 -2.17 13.74 -58.11
N1 PSU C 56 -6.17 10.99 -58.90
C2 PSU C 56 -6.64 10.50 -57.65
N3 PSU C 56 -7.24 9.26 -57.70
C4 PSU C 56 -7.45 8.49 -58.82
C5 PSU C 56 -6.99 9.05 -60.00
C6 PSU C 56 -6.36 10.27 -60.01
O2 PSU C 56 -6.55 11.08 -56.56
O4 PSU C 56 -7.98 7.39 -58.77
C1' PSU C 56 -7.25 8.31 -61.26
C2' PSU C 56 -8.54 8.76 -61.94
O2' PSU C 56 -9.09 7.69 -62.67
C3' PSU C 56 -8.01 9.86 -62.86
C4' PSU C 56 -6.72 9.23 -63.35
O3' PSU C 56 -8.90 10.18 -63.93
O4' PSU C 56 -6.19 8.59 -62.17
C5' PSU C 56 -5.71 10.20 -63.90
O5' PSU C 56 -5.49 11.25 -62.98
P PSU C 56 -4.22 12.19 -63.13
OP1 PSU C 56 -4.30 12.90 -64.43
OP2 PSU C 56 -4.07 12.97 -61.87
ZN ZN D . -20.78 39.02 -7.31
CB P5A E . -9.81 12.56 -7.87
CG P5A E . -9.11 11.38 -7.24
C P5A E . -7.89 14.17 -7.96
O P5A E . -6.67 14.25 -8.12
N P5A E . -7.85 11.99 -9.13
CD P5A E . -8.21 10.79 -8.35
CA P5A E . -8.71 13.13 -8.74
N3S P5A E . -8.57 14.97 -7.15
S P5A E . -7.85 16.16 -6.25
O1S P5A E . -6.92 16.84 -7.18
O2S P5A E . -9.00 16.91 -5.69
O5' P5A E . -6.97 15.63 -5.03
C5' P5A E . -7.32 14.44 -4.31
C4' P5A E . -7.13 14.63 -2.83
O4' P5A E . -5.71 14.79 -2.54
C1' P5A E . -5.45 16.11 -2.11
N9 P5A E . -4.19 16.61 -2.67
C4 P5A E . -2.99 16.64 -2.01
N3 P5A E . -2.74 16.20 -0.76
C2 P5A E . -1.48 16.43 -0.43
N1 P5A E . -0.50 17.01 -1.13
C6 P5A E . -0.78 17.46 -2.38
N6 P5A E . 0.18 18.07 -3.06
C5 P5A E . -2.10 17.26 -2.86
N7 P5A E . -2.70 17.56 -4.07
C8 P5A E . -3.94 17.15 -3.91
C2' P5A E . -6.68 16.99 -2.28
O2' P5A E . -6.81 17.77 -1.12
C3' P5A E . -7.78 15.94 -2.37
O3' P5A E . -8.74 15.85 -1.32
S SO4 F . -8.34 23.28 -2.26
O1 SO4 F . -9.37 22.43 -2.87
O2 SO4 F . -8.49 23.25 -0.79
O3 SO4 F . -8.51 24.66 -2.76
O4 SO4 F . -6.98 22.80 -2.62
S SO4 G . 4.15 -2.55 23.33
O1 SO4 G . 3.23 -3.66 23.64
O2 SO4 G . 5.39 -3.08 22.71
O3 SO4 G . 3.50 -1.62 22.39
O4 SO4 G . 4.49 -1.84 24.57
ZN ZN H . 36.73 -22.60 -12.26
CB P5A I . 16.82 -5.18 -0.87
CG P5A I . 15.51 -4.41 -0.74
C P5A I . 17.28 -4.79 -3.29
O P5A I . 16.93 -4.00 -4.16
N P5A I . 17.04 -2.95 -1.72
CD P5A I . 15.91 -2.94 -0.78
CA P5A I . 17.55 -4.32 -1.88
N3S P5A I . 17.42 -6.09 -3.52
O1S P5A I . 17.79 -5.83 -5.92
O2S P5A I . 17.72 -8.17 -4.91
O5' P5A I . 15.64 -6.92 -5.39
C5' P5A I . 14.64 -7.15 -4.42
C4' P5A I . 13.59 -8.10 -4.96
O4' P5A I . 12.91 -7.48 -6.09
C1' P5A I . 13.17 -8.19 -7.27
N9 P5A I . 13.32 -7.30 -8.41
C4 P5A I . 12.36 -7.14 -9.38
N3 P5A I . 11.14 -7.70 -9.41
C2 P5A I . 10.51 -7.37 -10.53
N1 P5A I . 10.91 -6.58 -11.53
C6 P5A I . 12.13 -6.03 -11.48
N6 P5A I . 12.54 -5.27 -12.49
C5 P5A I . 12.92 -6.31 -10.33
N7 P5A I . 14.19 -5.91 -9.94
C8 P5A I . 14.37 -6.50 -8.80
C2' P5A I . 14.29 -9.20 -7.04
O2' P5A I . 13.89 -10.35 -7.74
C3' P5A I . 14.24 -9.37 -5.52
O3' P5A I . 13.82 -10.61 -4.97
S SO4 J . 18.52 -12.81 -10.40
O1 SO4 J . 18.84 -12.54 -8.99
O2 SO4 J . 17.57 -13.94 -10.49
O3 SO4 J . 17.91 -11.63 -11.06
O4 SO4 J . 19.76 -13.18 -11.10
S SO4 K . -19.42 -12.81 -4.30
O1 SO4 K . -19.94 -14.00 -5.00
O2 SO4 K . -19.72 -12.93 -2.85
O3 SO4 K . -17.96 -12.71 -4.48
O4 SO4 K . -20.06 -11.60 -4.85
#